data_1Z7S
#
_entry.id   1Z7S
#
_cell.length_a   348.014
_cell.length_b   348.014
_cell.length_c   348.014
_cell.angle_alpha   90.00
_cell.angle_beta   90.00
_cell.angle_gamma   90.00
#
_symmetry.space_group_name_H-M   'P 42 3 2'
#
loop_
_entity.id
_entity.type
_entity.pdbx_description
1 polymer 'Human COXSACKIEVIRUS A21'
2 polymer 'Human COXSACKIEVIRUS A21'
3 polymer 'Human coxsackievirus A21'
4 polymer 'Human coxsackievirus A21'
5 non-polymer 'CALCIUM ION'
6 non-polymer 'MYRISTIC ACID'
7 non-polymer "GUANOSINE-5'-MONOPHOSPHATE"
8 water water
#
loop_
_entity_poly.entity_id
_entity_poly.type
_entity_poly.pdbx_seq_one_letter_code
_entity_poly.pdbx_strand_id
1 'polypeptide(L)'
;GIEDLIDTAIKNALRVSQPPSTQSTEATSGVNSQEVPALTAVETGASGQAIPSDVVETRHVVNYKTRSESCLESFFGRAA
CVTILSLTNSSKSGEEKKHFNIWNITYTDTVQLRRKLEFFTYSRFDLEMTFVFTENYPSTASGEVRNQVYQIMYIPPGAP
RPSSWDDYTWQSSSNPSIFYMYGNAPPRMSIPYVGIANAYSHFYDGFARVPLEGENTDAGDTFYGLVSINDFGVLAVRAV
NRSNPHTIHTSVRVYMKPKHIRCWCPRPPRAVLYRGEGVDMISSAILPLTKVDSITTF
;
1
2 'polypeptide(L)'
;SPNVEACGYSDRVRQITLGNSTITTQEAANAIVAYGEWPTYINDSEANPVDAPTEPDVSSNRFYTLESVSWKTTSRGWWW
KLPDCLKDMGMFGQNMYYHYLGRSGYTIHVQCNASKFHQGALGVFLIPEFVMACNTESKTSYVSYINANPGERGGEFTNT
YNPSNTDASEGRKFAALDYLLGSGVLAGNAFVYPHQIINLRTNNSATIVVPYVNSLVIDCMAKHNNWGIVILPLAPLAFA
ATSSPQVPITVTIAPMCTEFNGLRNITVPVHQ
;
2
3 'polypeptide(L)'
;GLPTMNTPGSNQFLTSDDFQSPCALPNFDVTPPIHIPGEVKNMMELAEIDTLIPMNAVDGKVNTMEMYQIPLNDNLSKAP
IFCLSLSPASDKRLSHTMLGEILNYYTHWTGSIRFTFLFCGSMMATGKLLLSYSPPGAKPPTNRKDAMLGTHIIWDLGLQ
SSCSMVAPWISNTVYRRCARDDFTEGGFITCFYQTRIVVPASTPTSMFMLGFVSACPDFSVRLLKDTPHISQSKLIGRTQ
;
3
4 'polypeptide(L)' GAQVSTQKTGAHENQNVAANGSTINYTTINYYKDSASNSATRQDLSQDPSKFTEPVKDLMLKTAPALN 4
#
# COMPACT_ATOMS: atom_id res chain seq x y z
N VAL A 16 27.98 1.46 -22.85
CA VAL A 16 27.20 2.72 -22.67
C VAL A 16 25.72 2.51 -23.04
N SER A 17 24.82 2.95 -22.16
CA SER A 17 23.38 2.82 -22.40
C SER A 17 22.58 4.05 -21.93
N GLN A 18 21.36 4.19 -22.44
CA GLN A 18 20.49 5.33 -22.13
C GLN A 18 19.26 5.03 -21.25
N PRO A 19 19.27 5.52 -20.00
CA PRO A 19 18.14 5.28 -19.09
C PRO A 19 16.82 5.74 -19.68
N PRO A 20 15.77 4.91 -19.52
CA PRO A 20 14.41 5.14 -20.02
C PRO A 20 13.81 6.42 -19.48
N SER A 21 13.38 7.32 -20.36
CA SER A 21 12.80 8.58 -19.92
C SER A 21 11.27 8.50 -19.83
N THR A 22 10.69 9.47 -19.14
CA THR A 22 9.24 9.50 -19.01
C THR A 22 8.60 10.06 -20.28
N GLN A 23 7.50 9.43 -20.68
CA GLN A 23 6.77 9.81 -21.88
C GLN A 23 7.00 11.25 -22.35
N SER A 24 7.34 11.41 -23.63
CA SER A 24 7.54 12.74 -24.16
C SER A 24 6.19 13.16 -24.69
N THR A 25 6.05 14.43 -25.02
CA THR A 25 4.78 14.92 -25.52
C THR A 25 4.84 15.15 -27.02
N GLU A 26 4.07 14.40 -27.79
CA GLU A 26 4.11 14.59 -29.22
C GLU A 26 3.07 15.64 -29.56
N ALA A 27 3.41 16.52 -30.48
CA ALA A 27 2.51 17.59 -30.88
C ALA A 27 1.23 17.09 -31.51
N THR A 28 0.11 17.65 -31.08
CA THR A 28 -1.20 17.29 -31.63
C THR A 28 -1.99 18.56 -31.88
N SER A 29 -3.18 18.41 -32.44
CA SER A 29 -4.02 19.57 -32.73
C SER A 29 -5.47 19.31 -32.45
N GLY A 30 -6.34 19.94 -33.25
CA GLY A 30 -7.78 19.79 -33.08
C GLY A 30 -8.28 18.36 -33.21
N VAL A 31 -9.60 18.21 -33.37
CA VAL A 31 -10.22 16.91 -33.52
C VAL A 31 -11.72 17.12 -33.59
N ASN A 32 -12.45 16.13 -34.08
CA ASN A 32 -13.91 16.25 -34.19
C ASN A 32 -14.47 14.86 -34.52
N SER A 33 -13.76 13.84 -34.06
CA SER A 33 -14.13 12.44 -34.32
C SER A 33 -15.10 11.81 -33.35
N GLN A 34 -15.36 10.52 -33.58
CA GLN A 34 -16.24 9.74 -32.72
C GLN A 34 -15.33 9.04 -31.73
N GLU A 35 -14.06 9.45 -31.74
CA GLU A 35 -13.07 8.90 -30.83
C GLU A 35 -13.02 9.84 -29.65
N VAL A 36 -13.50 9.38 -28.51
CA VAL A 36 -13.52 10.18 -27.31
C VAL A 36 -12.63 9.59 -26.20
N PRO A 37 -11.35 10.01 -26.18
CA PRO A 37 -10.40 9.54 -25.18
C PRO A 37 -10.78 10.11 -23.82
N ALA A 38 -11.51 11.22 -23.84
CA ALA A 38 -11.93 11.87 -22.61
C ALA A 38 -12.84 11.00 -21.74
N LEU A 39 -13.84 10.38 -22.35
CA LEU A 39 -14.78 9.54 -21.60
C LEU A 39 -14.32 8.10 -21.38
N THR A 40 -14.77 7.55 -20.26
CA THR A 40 -14.43 6.18 -19.88
C THR A 40 -15.46 5.64 -18.87
N ALA A 41 -15.12 4.54 -18.20
CA ALA A 41 -16.00 3.95 -17.21
C ALA A 41 -15.12 3.29 -16.16
N VAL A 42 -14.69 4.08 -15.19
CA VAL A 42 -13.83 3.57 -14.14
C VAL A 42 -14.44 2.41 -13.32
N GLU A 43 -15.71 2.08 -13.57
CA GLU A 43 -16.36 0.95 -12.88
C GLU A 43 -15.59 -0.32 -13.18
N THR A 44 -15.05 -0.38 -14.39
CA THR A 44 -14.27 -1.53 -14.84
C THR A 44 -13.19 -1.86 -13.84
N GLY A 45 -12.70 -0.84 -13.15
CA GLY A 45 -11.66 -1.07 -12.16
C GLY A 45 -10.36 -0.53 -12.71
N ALA A 46 -10.43 -0.05 -13.95
CA ALA A 46 -9.27 0.49 -14.62
C ALA A 46 -9.19 1.98 -14.34
N SER A 47 -7.99 2.46 -14.04
CA SER A 47 -7.82 3.87 -13.76
C SER A 47 -8.01 4.71 -15.03
N GLY A 48 -8.04 6.02 -14.87
CA GLY A 48 -8.22 6.92 -16.00
C GLY A 48 -6.93 6.90 -16.80
N GLN A 49 -7.03 6.99 -18.12
CA GLN A 49 -5.83 6.92 -18.93
C GLN A 49 -5.46 8.16 -19.71
N ALA A 50 -6.44 9.01 -20.01
CA ALA A 50 -6.17 10.22 -20.79
C ALA A 50 -4.86 10.91 -20.46
N ILE A 51 -4.34 11.67 -21.42
CA ILE A 51 -3.11 12.44 -21.25
C ILE A 51 -3.31 13.72 -22.07
N PRO A 52 -2.48 14.75 -21.83
CA PRO A 52 -2.59 16.02 -22.56
C PRO A 52 -3.10 15.92 -23.99
N SER A 53 -2.39 15.15 -24.81
CA SER A 53 -2.72 14.95 -26.23
C SER A 53 -4.19 14.65 -26.50
N ASP A 54 -4.77 13.80 -25.66
CA ASP A 54 -6.17 13.39 -25.79
C ASP A 54 -7.18 14.52 -25.58
N VAL A 55 -6.81 15.48 -24.72
CA VAL A 55 -7.70 16.57 -24.39
C VAL A 55 -7.44 17.93 -25.03
N VAL A 56 -6.19 18.40 -25.03
CA VAL A 56 -5.91 19.71 -25.63
C VAL A 56 -4.90 19.64 -26.77
N GLU A 57 -4.64 20.79 -27.40
CA GLU A 57 -3.65 20.83 -28.47
C GLU A 57 -2.30 20.96 -27.79
N THR A 58 -1.40 20.04 -28.10
CA THR A 58 -0.10 20.02 -27.48
C THR A 58 1.00 20.33 -28.49
N ARG A 59 2.19 20.64 -27.97
CA ARG A 59 3.34 20.93 -28.80
C ARG A 59 4.24 19.72 -28.65
N HIS A 60 5.30 19.64 -29.44
CA HIS A 60 6.20 18.51 -29.33
C HIS A 60 7.22 18.79 -28.23
N VAL A 61 7.36 17.85 -27.30
CA VAL A 61 8.29 18.01 -26.20
C VAL A 61 9.11 16.76 -25.95
N VAL A 62 10.42 16.91 -26.02
CA VAL A 62 11.33 15.81 -25.80
C VAL A 62 11.69 15.70 -24.34
N ASN A 63 11.15 14.69 -23.68
CA ASN A 63 11.40 14.50 -22.26
C ASN A 63 12.61 13.62 -22.00
N TYR A 64 13.53 14.12 -21.18
CA TYR A 64 14.74 13.38 -20.86
C TYR A 64 14.72 12.87 -19.43
N LYS A 65 13.88 13.49 -18.62
CA LYS A 65 13.75 13.13 -17.21
C LYS A 65 13.38 11.67 -16.98
N THR A 66 13.85 11.11 -15.87
CA THR A 66 13.59 9.71 -15.54
C THR A 66 13.14 9.48 -14.10
N ARG A 67 12.31 8.46 -13.90
CA ARG A 67 11.84 8.12 -12.56
C ARG A 67 12.96 7.35 -11.86
N SER A 68 14.19 7.76 -12.14
CA SER A 68 15.37 7.10 -11.60
C SER A 68 15.46 7.06 -10.09
N GLU A 69 14.75 7.96 -9.43
CA GLU A 69 14.81 8.03 -7.98
C GLU A 69 13.64 7.35 -7.24
N SER A 70 12.63 6.92 -8.01
CA SER A 70 11.46 6.26 -7.45
C SER A 70 11.66 4.76 -7.52
N CYS A 71 12.82 4.34 -7.98
CA CYS A 71 13.11 2.91 -8.09
C CYS A 71 13.15 2.41 -6.68
N LEU A 72 12.41 1.36 -6.38
CA LEU A 72 12.40 0.84 -5.02
C LEU A 72 13.78 0.85 -4.39
N GLU A 73 14.81 0.45 -5.12
CA GLU A 73 16.14 0.45 -4.54
C GLU A 73 16.59 1.83 -4.08
N SER A 74 16.14 2.87 -4.76
CA SER A 74 16.52 4.23 -4.38
C SER A 74 15.63 4.68 -3.23
N PHE A 75 14.35 4.36 -3.35
CA PHE A 75 13.36 4.72 -2.34
C PHE A 75 13.67 4.12 -0.97
N PHE A 76 14.30 2.94 -0.96
CA PHE A 76 14.65 2.31 0.30
C PHE A 76 16.15 2.41 0.57
N GLY A 77 16.82 3.22 -0.24
CA GLY A 77 18.26 3.36 -0.10
C GLY A 77 18.74 4.35 0.94
N ARG A 78 18.44 4.07 2.20
CA ARG A 78 18.86 4.94 3.29
C ARG A 78 18.99 4.12 4.56
N ALA A 79 19.95 4.50 5.39
CA ALA A 79 20.16 3.83 6.67
C ALA A 79 19.26 4.56 7.66
N ALA A 80 18.07 3.99 7.90
CA ALA A 80 17.12 4.59 8.80
C ALA A 80 17.31 4.05 10.21
N CYS A 81 17.10 4.91 11.20
CA CYS A 81 17.24 4.50 12.59
C CYS A 81 16.00 3.73 12.97
N VAL A 82 16.21 2.54 13.51
CA VAL A 82 15.09 1.69 13.86
C VAL A 82 14.78 1.62 15.36
N THR A 83 15.81 1.85 16.18
CA THR A 83 15.63 1.78 17.63
C THR A 83 16.80 2.44 18.35
N ILE A 84 16.61 2.68 19.64
CA ILE A 84 17.66 3.25 20.45
C ILE A 84 17.71 2.39 21.71
N LEU A 85 18.85 1.74 21.94
CA LEU A 85 18.98 0.93 23.13
C LEU A 85 19.78 1.71 24.13
N SER A 86 19.55 1.41 25.39
CA SER A 86 20.29 2.07 26.45
C SER A 86 20.84 0.98 27.34
N LEU A 87 21.91 1.31 28.04
CA LEU A 87 22.53 0.39 28.96
C LEU A 87 23.46 1.24 29.82
N THR A 88 23.78 0.75 31.02
CA THR A 88 24.63 1.51 31.92
C THR A 88 25.69 0.65 32.62
N ASN A 89 26.95 1.03 32.46
CA ASN A 89 28.04 0.29 33.10
C ASN A 89 28.23 0.97 34.45
N SER A 90 27.60 0.41 35.48
CA SER A 90 27.72 0.98 36.82
C SER A 90 28.29 0.00 37.81
N SER A 91 28.86 0.55 38.87
CA SER A 91 29.47 -0.22 39.94
C SER A 91 28.58 -0.24 41.18
N LYS A 92 27.37 0.31 41.05
CA LYS A 92 26.43 0.36 42.18
C LYS A 92 25.59 -0.91 42.29
N SER A 93 25.09 -1.17 43.50
CA SER A 93 24.28 -2.35 43.81
C SER A 93 23.50 -2.99 42.65
N GLY A 94 22.32 -2.44 42.35
CA GLY A 94 21.50 -2.98 41.28
C GLY A 94 21.76 -2.31 39.94
N GLU A 95 22.99 -2.45 39.45
CA GLU A 95 23.40 -1.84 38.18
C GLU A 95 24.16 -2.88 37.36
N GLU A 96 23.81 -4.15 37.58
CA GLU A 96 24.42 -5.26 36.87
C GLU A 96 23.54 -5.62 35.68
N LYS A 97 22.23 -5.63 35.93
CA LYS A 97 21.27 -5.93 34.89
C LYS A 97 21.30 -4.75 33.92
N LYS A 98 21.87 -3.66 34.38
CA LYS A 98 22.00 -2.43 33.59
C LYS A 98 23.25 -2.53 32.70
N HIS A 99 24.17 -3.41 33.09
CA HIS A 99 25.43 -3.61 32.37
C HIS A 99 25.25 -4.24 30.99
N PHE A 100 24.00 -4.50 30.60
CA PHE A 100 23.72 -5.05 29.28
C PHE A 100 22.26 -4.86 28.91
N ASN A 101 21.91 -5.20 27.68
CA ASN A 101 20.54 -5.03 27.23
C ASN A 101 20.22 -5.96 26.07
N ILE A 102 18.97 -6.37 25.95
CA ILE A 102 18.57 -7.25 24.88
C ILE A 102 17.46 -6.61 24.06
N TRP A 103 17.73 -6.38 22.77
CA TRP A 103 16.75 -5.78 21.86
C TRP A 103 16.13 -6.78 20.91
N ASN A 104 14.83 -6.67 20.68
CA ASN A 104 14.17 -7.59 19.78
C ASN A 104 14.24 -7.02 18.38
N ILE A 105 14.81 -7.79 17.46
CA ILE A 105 14.97 -7.37 16.07
C ILE A 105 13.64 -7.10 15.37
N THR A 106 13.49 -5.86 14.89
CA THR A 106 12.28 -5.45 14.18
C THR A 106 12.39 -3.99 13.80
N TYR A 107 11.49 -3.55 12.95
CA TYR A 107 11.49 -2.17 12.48
C TYR A 107 10.28 -1.41 12.99
N THR A 108 9.50 -2.03 13.88
CA THR A 108 8.31 -1.39 14.42
C THR A 108 8.60 -0.45 15.58
N ASP A 109 9.83 -0.48 16.07
CA ASP A 109 10.23 0.41 17.17
C ASP A 109 10.11 1.87 16.79
N THR A 110 10.18 2.18 15.50
CA THR A 110 10.04 3.56 15.04
C THR A 110 8.92 3.59 14.01
N VAL A 111 8.75 4.71 13.32
CA VAL A 111 7.68 4.79 12.33
C VAL A 111 8.08 5.20 10.93
N GLN A 112 9.20 5.88 10.80
CA GLN A 112 9.62 6.32 9.48
C GLN A 112 9.83 5.19 8.49
N LEU A 113 10.85 4.35 8.71
CA LEU A 113 11.10 3.25 7.80
C LEU A 113 9.89 2.36 7.74
N ARG A 114 9.39 1.99 8.91
CA ARG A 114 8.23 1.12 8.97
C ARG A 114 7.13 1.51 7.97
N ARG A 115 6.73 2.77 7.97
CA ARG A 115 5.67 3.22 7.07
C ARG A 115 5.98 2.92 5.62
N LYS A 116 7.21 3.22 5.19
CA LYS A 116 7.64 2.97 3.81
C LYS A 116 7.50 1.51 3.42
N LEU A 117 8.17 0.62 4.16
CA LEU A 117 8.06 -0.80 3.88
C LEU A 117 6.57 -1.18 3.85
N GLU A 118 5.83 -0.61 4.79
CA GLU A 118 4.40 -0.85 4.96
C GLU A 118 3.59 -0.46 3.71
N PHE A 119 4.28 0.01 2.67
CA PHE A 119 3.65 0.39 1.41
C PHE A 119 3.35 -0.87 0.62
N PHE A 120 4.06 -1.94 0.97
CA PHE A 120 3.93 -3.20 0.27
C PHE A 120 3.60 -4.35 1.22
N THR A 121 2.80 -5.29 0.72
CA THR A 121 2.38 -6.47 1.48
C THR A 121 3.56 -7.40 1.72
N TYR A 122 4.34 -7.66 0.69
CA TYR A 122 5.48 -8.55 0.81
C TYR A 122 6.72 -7.85 0.29
N SER A 123 7.88 -8.26 0.78
CA SER A 123 9.13 -7.68 0.30
C SER A 123 10.23 -8.70 0.47
N ARG A 124 11.33 -8.50 -0.23
CA ARG A 124 12.47 -9.41 -0.16
C ARG A 124 13.73 -8.61 -0.35
N PHE A 125 14.67 -8.75 0.59
CA PHE A 125 15.93 -8.00 0.51
C PHE A 125 17.06 -8.45 1.43
N ASP A 126 18.20 -7.81 1.22
CA ASP A 126 19.38 -8.04 2.02
C ASP A 126 19.38 -6.83 2.96
N LEU A 127 20.05 -6.93 4.10
CA LEU A 127 20.03 -5.85 5.05
C LEU A 127 21.37 -5.31 5.48
N GLU A 128 21.46 -3.99 5.59
CA GLU A 128 22.69 -3.35 6.03
C GLU A 128 22.50 -2.73 7.41
N MET A 129 23.11 -3.35 8.41
CA MET A 129 23.05 -2.88 9.80
C MET A 129 24.19 -1.91 10.02
N THR A 130 23.90 -0.82 10.70
CA THR A 130 24.91 0.19 11.01
C THR A 130 24.60 0.60 12.45
N PHE A 131 25.64 0.69 13.27
CA PHE A 131 25.45 1.05 14.66
C PHE A 131 26.20 2.32 15.06
N VAL A 132 25.52 3.18 15.82
CA VAL A 132 26.10 4.44 16.33
C VAL A 132 26.04 4.49 17.85
N PHE A 133 27.20 4.53 18.50
CA PHE A 133 27.26 4.58 19.95
C PHE A 133 27.52 6.00 20.46
N THR A 134 26.85 6.35 21.57
CA THR A 134 26.98 7.67 22.20
C THR A 134 26.91 7.58 23.73
N GLU A 135 28.06 7.65 24.39
CA GLU A 135 28.11 7.56 25.85
C GLU A 135 28.17 8.93 26.54
N ASN A 136 27.64 8.99 27.76
CA ASN A 136 27.61 10.22 28.56
C ASN A 136 27.59 9.92 30.07
N TYR A 137 27.74 10.96 30.90
CA TYR A 137 27.73 10.80 32.35
C TYR A 137 26.36 11.17 32.91
N PRO A 138 25.76 10.27 33.72
CA PRO A 138 24.44 10.47 34.33
C PRO A 138 24.36 11.59 35.39
N SER A 139 24.72 11.25 36.62
CA SER A 139 24.70 12.20 37.74
C SER A 139 25.99 13.03 37.77
N THR A 140 26.40 13.44 38.96
CA THR A 140 27.62 14.24 39.09
C THR A 140 28.84 13.34 39.21
N ALA A 141 28.65 12.06 38.94
CA ALA A 141 29.73 11.08 38.99
C ALA A 141 30.61 11.33 37.77
N SER A 142 30.85 12.61 37.48
CA SER A 142 31.65 13.07 36.34
C SER A 142 33.16 12.86 36.57
N GLY A 143 33.54 11.62 36.84
CA GLY A 143 34.94 11.32 37.09
C GLY A 143 35.65 10.64 35.94
N GLU A 144 36.53 9.70 36.29
CA GLU A 144 37.32 8.99 35.29
C GLU A 144 36.83 7.60 34.95
N VAL A 145 36.94 7.27 33.66
CA VAL A 145 36.58 5.97 33.10
C VAL A 145 37.38 5.79 31.82
N ARG A 146 38.06 4.65 31.71
CA ARG A 146 38.86 4.32 30.53
C ARG A 146 37.93 4.24 29.30
N ASN A 147 38.50 3.97 28.13
CA ASN A 147 37.69 3.88 26.94
C ASN A 147 36.87 2.59 26.89
N GLN A 148 35.64 2.72 26.42
CA GLN A 148 34.71 1.60 26.34
C GLN A 148 34.77 0.74 25.07
N VAL A 149 34.64 -0.57 25.25
CA VAL A 149 34.63 -1.53 24.15
C VAL A 149 33.31 -2.29 24.23
N TYR A 150 32.42 -2.06 23.27
CA TYR A 150 31.13 -2.73 23.28
C TYR A 150 31.07 -4.00 22.45
N GLN A 151 30.03 -4.80 22.67
CA GLN A 151 29.83 -6.04 21.93
C GLN A 151 28.37 -6.18 21.52
N ILE A 152 28.11 -6.41 20.24
CA ILE A 152 26.74 -6.62 19.79
C ILE A 152 26.71 -8.08 19.40
N MET A 153 25.89 -8.87 20.08
CA MET A 153 25.79 -10.28 19.74
C MET A 153 24.41 -10.61 19.22
N TYR A 154 24.36 -11.22 18.05
CA TYR A 154 23.09 -11.59 17.45
C TYR A 154 22.70 -12.97 17.95
N ILE A 155 21.60 -13.04 18.67
CA ILE A 155 21.12 -14.30 19.22
C ILE A 155 19.85 -14.76 18.50
N PRO A 156 20.01 -15.63 17.50
CA PRO A 156 18.93 -16.19 16.70
C PRO A 156 17.95 -16.96 17.57
N PRO A 157 16.72 -17.13 17.10
CA PRO A 157 15.70 -17.85 17.86
C PRO A 157 16.16 -19.28 18.21
N GLY A 158 16.21 -19.56 19.50
CA GLY A 158 16.61 -20.89 19.94
C GLY A 158 17.93 -20.88 20.71
N ALA A 159 18.75 -19.87 20.44
CA ALA A 159 20.04 -19.76 21.11
C ALA A 159 19.87 -19.23 22.52
N PRO A 160 20.70 -19.71 23.45
CA PRO A 160 20.66 -19.29 24.86
C PRO A 160 20.96 -17.81 25.00
N ARG A 161 20.19 -17.14 25.87
CA ARG A 161 20.36 -15.71 26.12
C ARG A 161 21.12 -15.40 27.39
N PRO A 162 21.88 -14.29 27.38
CA PRO A 162 22.67 -13.87 28.53
C PRO A 162 21.84 -13.63 29.79
N SER A 163 22.33 -14.18 30.91
CA SER A 163 21.68 -14.06 32.21
C SER A 163 22.22 -12.78 32.83
N SER A 164 23.54 -12.70 32.92
CA SER A 164 24.22 -11.55 33.47
C SER A 164 25.06 -10.91 32.36
N TRP A 165 25.54 -9.69 32.58
CA TRP A 165 26.35 -9.03 31.55
C TRP A 165 27.61 -9.81 31.24
N ASP A 166 27.79 -10.97 31.85
CA ASP A 166 29.01 -11.72 31.58
C ASP A 166 28.97 -13.23 31.76
N ASP A 167 27.83 -13.85 31.48
CA ASP A 167 27.75 -15.30 31.61
C ASP A 167 28.23 -15.90 30.28
N TYR A 168 28.70 -17.14 30.36
CA TYR A 168 29.25 -17.86 29.21
C TYR A 168 28.76 -17.51 27.79
N THR A 169 27.50 -17.09 27.65
CA THR A 169 26.93 -16.79 26.34
C THR A 169 27.69 -15.82 25.44
N TRP A 170 28.43 -14.88 26.03
CA TRP A 170 29.16 -13.90 25.25
C TRP A 170 30.44 -14.44 24.59
N GLN A 171 30.55 -15.76 24.51
CA GLN A 171 31.67 -16.43 23.85
C GLN A 171 31.47 -16.29 22.34
N SER A 172 30.22 -16.45 21.92
CA SER A 172 29.81 -16.34 20.51
C SER A 172 30.57 -17.26 19.57
N SER A 173 30.68 -18.53 19.94
CA SER A 173 31.38 -19.49 19.12
C SER A 173 30.61 -19.74 17.83
N SER A 174 29.36 -19.28 17.78
CA SER A 174 28.54 -19.49 16.60
C SER A 174 27.71 -18.27 16.28
N ASN A 175 27.34 -17.52 17.31
CA ASN A 175 26.56 -16.33 17.09
C ASN A 175 27.47 -15.24 16.55
N PRO A 176 27.00 -14.51 15.55
CA PRO A 176 27.78 -13.43 14.95
C PRO A 176 27.84 -12.23 15.89
N SER A 177 29.04 -11.78 16.26
CA SER A 177 29.18 -10.65 17.16
C SER A 177 30.15 -9.58 16.67
N ILE A 178 29.78 -8.32 16.90
CA ILE A 178 30.63 -7.20 16.52
C ILE A 178 31.30 -6.70 17.79
N PHE A 179 32.48 -6.12 17.65
CA PHE A 179 33.21 -5.58 18.77
C PHE A 179 33.62 -4.19 18.38
N TYR A 180 33.00 -3.19 19.01
CA TYR A 180 33.27 -1.80 18.72
C TYR A 180 34.17 -1.17 19.78
N MET A 181 35.06 -0.30 19.32
CA MET A 181 35.98 0.39 20.21
C MET A 181 35.61 1.87 20.15
N TYR A 182 34.62 2.27 20.94
CA TYR A 182 34.13 3.66 20.96
C TYR A 182 35.13 4.69 20.45
N GLY A 183 34.68 5.53 19.54
CA GLY A 183 35.54 6.55 18.96
C GLY A 183 35.89 6.21 17.52
N ASN A 184 35.72 4.93 17.15
CA ASN A 184 35.99 4.47 15.79
C ASN A 184 34.77 4.57 14.91
N ALA A 185 34.97 4.37 13.62
CA ALA A 185 33.87 4.46 12.67
C ALA A 185 32.70 3.57 13.08
N PRO A 186 31.48 4.07 12.89
CA PRO A 186 30.24 3.36 13.22
C PRO A 186 30.27 1.95 12.65
N PRO A 187 30.39 0.94 13.51
CA PRO A 187 30.41 -0.42 12.96
C PRO A 187 29.19 -0.71 12.11
N ARG A 188 29.38 -1.48 11.03
CA ARG A 188 28.27 -1.85 10.16
C ARG A 188 28.53 -3.22 9.53
N MET A 189 27.47 -3.88 9.09
CA MET A 189 27.60 -5.22 8.52
C MET A 189 26.39 -5.57 7.67
N SER A 190 26.51 -6.63 6.87
CA SER A 190 25.44 -7.03 5.98
C SER A 190 24.77 -8.33 6.36
N ILE A 191 23.49 -8.42 6.04
CA ILE A 191 22.74 -9.62 6.35
C ILE A 191 21.92 -10.06 5.14
N PRO A 192 21.99 -11.34 4.82
CA PRO A 192 21.28 -11.94 3.69
C PRO A 192 19.76 -11.89 3.93
N TYR A 193 19.00 -12.24 2.91
CA TYR A 193 17.56 -12.31 3.10
C TYR A 193 17.46 -13.64 3.86
N VAL A 194 17.13 -13.55 5.14
CA VAL A 194 17.04 -14.73 5.98
C VAL A 194 15.65 -15.30 6.18
N GLY A 195 14.63 -14.62 5.69
CA GLY A 195 13.26 -15.11 5.85
C GLY A 195 13.14 -16.60 5.57
N ILE A 196 12.31 -17.30 6.32
CA ILE A 196 12.13 -18.75 6.10
C ILE A 196 10.99 -18.96 5.11
N ALA A 197 10.55 -17.85 4.53
CA ALA A 197 9.49 -17.85 3.54
C ALA A 197 10.16 -17.48 2.23
N ASN A 198 9.40 -17.43 1.15
CA ASN A 198 9.99 -17.08 -0.12
C ASN A 198 10.14 -15.57 -0.21
N ALA A 199 9.53 -14.89 0.74
CA ALA A 199 9.58 -13.44 0.82
C ALA A 199 9.28 -13.02 2.26
N TYR A 200 9.52 -11.75 2.57
CA TYR A 200 9.21 -11.24 3.91
C TYR A 200 7.74 -10.86 3.86
N SER A 201 7.00 -11.28 4.88
CA SER A 201 5.57 -10.96 4.95
C SER A 201 5.45 -9.73 5.85
N HIS A 202 4.86 -8.65 5.33
CA HIS A 202 4.71 -7.40 6.08
C HIS A 202 3.43 -7.34 6.91
N PHE A 203 2.42 -8.10 6.47
CA PHE A 203 1.12 -8.19 7.14
C PHE A 203 0.81 -9.67 7.22
N TYR A 204 -0.17 -10.07 8.02
CA TYR A 204 -0.51 -11.49 8.10
C TYR A 204 -1.88 -11.73 8.71
N ASP A 205 -2.88 -11.83 7.86
CA ASP A 205 -4.25 -12.03 8.31
C ASP A 205 -4.49 -13.45 8.86
N GLY A 206 -3.61 -13.90 9.76
CA GLY A 206 -3.79 -15.23 10.31
C GLY A 206 -3.32 -15.44 11.74
N PHE A 207 -3.45 -16.68 12.23
CA PHE A 207 -3.04 -17.02 13.58
C PHE A 207 -1.89 -18.02 13.57
N ALA A 208 -1.00 -17.89 14.55
CA ALA A 208 0.16 -18.75 14.65
C ALA A 208 -0.18 -20.25 14.68
N ARG A 209 -1.41 -20.59 15.04
CA ARG A 209 -1.81 -22.00 15.07
C ARG A 209 -3.32 -22.10 15.03
N VAL A 210 -3.82 -23.31 14.78
CA VAL A 210 -5.26 -23.51 14.70
C VAL A 210 -5.92 -24.01 15.97
N PRO A 211 -6.78 -23.18 16.60
CA PRO A 211 -7.48 -23.54 17.84
C PRO A 211 -8.60 -24.53 17.51
N LEU A 212 -8.50 -25.74 18.07
CA LEU A 212 -9.47 -26.79 17.81
C LEU A 212 -10.70 -26.87 18.69
N GLU A 213 -11.71 -27.59 18.20
CA GLU A 213 -13.00 -27.76 18.85
C GLU A 213 -13.12 -27.46 20.34
N GLY A 214 -12.46 -28.25 21.17
CA GLY A 214 -12.58 -28.02 22.61
C GLY A 214 -11.63 -27.01 23.25
N GLU A 215 -11.83 -25.73 22.98
CA GLU A 215 -10.95 -24.71 23.56
C GLU A 215 -11.70 -23.45 23.88
N ASN A 216 -11.01 -22.51 24.51
CA ASN A 216 -11.59 -21.22 24.87
C ASN A 216 -12.41 -20.64 23.75
N THR A 217 -13.50 -19.98 24.09
CA THR A 217 -14.34 -19.37 23.08
C THR A 217 -13.66 -18.07 22.66
N ASP A 218 -12.46 -17.87 23.16
CA ASP A 218 -11.71 -16.65 22.85
C ASP A 218 -10.33 -16.98 22.26
N ALA A 219 -9.96 -18.25 22.31
CA ALA A 219 -8.66 -18.68 21.79
C ALA A 219 -8.28 -17.93 20.52
N GLY A 220 -7.02 -17.53 20.44
CA GLY A 220 -6.56 -16.83 19.27
C GLY A 220 -6.18 -15.39 19.57
N ASP A 221 -6.99 -14.72 20.37
CA ASP A 221 -6.74 -13.33 20.74
C ASP A 221 -5.30 -13.07 21.16
N THR A 222 -4.60 -14.14 21.53
CA THR A 222 -3.21 -14.07 21.96
C THR A 222 -2.23 -14.24 20.80
N PHE A 223 -2.58 -15.11 19.86
CA PHE A 223 -1.73 -15.40 18.72
C PHE A 223 -2.30 -15.04 17.33
N TYR A 224 -2.65 -13.76 17.15
CA TYR A 224 -3.15 -13.30 15.87
C TYR A 224 -2.30 -12.14 15.43
N GLY A 225 -2.08 -12.03 14.13
CA GLY A 225 -1.29 -10.94 13.61
C GLY A 225 0.11 -11.37 13.21
N LEU A 226 0.67 -10.70 12.21
CA LEU A 226 2.01 -11.03 11.74
C LEU A 226 2.96 -11.24 12.92
N VAL A 227 2.86 -10.34 13.90
CA VAL A 227 3.70 -10.38 15.09
C VAL A 227 3.72 -11.73 15.81
N SER A 228 2.62 -12.46 15.72
CA SER A 228 2.51 -13.75 16.39
C SER A 228 3.27 -14.88 15.70
N ILE A 229 3.77 -14.64 14.50
CA ILE A 229 4.47 -15.68 13.74
C ILE A 229 5.89 -15.30 13.37
N ASN A 230 6.14 -14.00 13.26
CA ASN A 230 7.45 -13.51 12.89
C ASN A 230 8.41 -13.55 14.07
N ASP A 231 9.68 -13.83 13.79
CA ASP A 231 10.72 -13.88 14.82
C ASP A 231 12.11 -13.89 14.19
N PHE A 232 12.92 -12.87 14.47
CA PHE A 232 14.26 -12.79 13.91
C PHE A 232 15.35 -12.86 14.95
N GLY A 233 14.98 -13.12 16.20
CA GLY A 233 15.96 -13.21 17.26
C GLY A 233 16.18 -11.86 17.92
N VAL A 234 17.28 -11.74 18.67
CA VAL A 234 17.58 -10.49 19.36
C VAL A 234 19.03 -10.08 19.35
N LEU A 235 19.25 -8.80 19.61
CA LEU A 235 20.57 -8.23 19.69
C LEU A 235 20.91 -8.02 21.17
N ALA A 236 21.89 -8.75 21.69
CA ALA A 236 22.29 -8.60 23.07
C ALA A 236 23.51 -7.68 23.09
N VAL A 237 23.31 -6.43 23.45
CA VAL A 237 24.42 -5.48 23.50
C VAL A 237 25.00 -5.42 24.92
N ARG A 238 26.17 -4.81 25.07
CA ARG A 238 26.81 -4.72 26.38
C ARG A 238 28.15 -4.02 26.23
N ALA A 239 28.74 -3.62 27.35
CA ALA A 239 30.05 -3.02 27.32
C ALA A 239 30.89 -4.16 27.84
N VAL A 240 32.06 -4.39 27.25
CA VAL A 240 32.87 -5.49 27.71
C VAL A 240 33.76 -5.13 28.90
N ASN A 241 33.97 -3.83 29.10
CA ASN A 241 34.80 -3.38 30.22
C ASN A 241 34.11 -3.72 31.54
N ARG A 242 34.87 -3.72 32.63
CA ARG A 242 34.30 -4.03 33.93
C ARG A 242 33.74 -2.73 34.50
N SER A 243 33.14 -2.79 35.69
CA SER A 243 32.55 -1.62 36.33
C SER A 243 33.64 -0.71 36.91
N ASN A 244 33.51 0.60 36.67
CA ASN A 244 34.47 1.59 37.17
C ASN A 244 33.91 2.32 38.39
N PRO A 245 34.70 3.25 38.97
CA PRO A 245 34.17 3.97 40.12
C PRO A 245 32.88 4.67 39.68
N HIS A 246 33.05 5.66 38.81
CA HIS A 246 31.95 6.46 38.28
C HIS A 246 31.10 5.69 37.27
N THR A 247 29.78 5.85 37.37
CA THR A 247 28.87 5.17 36.46
C THR A 247 28.82 5.90 35.13
N ILE A 248 28.76 5.12 34.04
CA ILE A 248 28.70 5.67 32.68
C ILE A 248 27.50 5.12 31.92
N HIS A 249 26.87 5.98 31.14
CA HIS A 249 25.68 5.59 30.39
C HIS A 249 25.88 5.65 28.88
N THR A 250 25.54 4.56 28.19
CA THR A 250 25.68 4.51 26.74
C THR A 250 24.36 4.26 26.03
N SER A 251 24.23 4.88 24.87
CA SER A 251 23.05 4.74 24.03
C SER A 251 23.49 4.27 22.64
N VAL A 252 22.98 3.11 22.24
CA VAL A 252 23.32 2.55 20.95
C VAL A 252 22.11 2.64 20.01
N ARG A 253 22.34 3.19 18.82
CA ARG A 253 21.27 3.34 17.82
C ARG A 253 21.44 2.41 16.62
N VAL A 254 20.40 1.61 16.37
CA VAL A 254 20.37 0.66 15.27
C VAL A 254 19.81 1.27 13.99
N TYR A 255 20.54 1.09 12.89
CA TYR A 255 20.15 1.62 11.57
C TYR A 255 19.98 0.50 10.53
N MET A 256 18.82 0.48 9.87
CA MET A 256 18.55 -0.54 8.84
C MET A 256 18.33 0.07 7.47
N LYS A 257 18.99 -0.52 6.46
CA LYS A 257 18.84 -0.09 5.07
C LYS A 257 18.58 -1.36 4.27
N PRO A 258 17.33 -1.59 3.82
CA PRO A 258 17.10 -2.80 3.05
C PRO A 258 17.67 -2.60 1.63
N LYS A 259 18.60 -3.46 1.21
CA LYS A 259 19.21 -3.35 -0.11
C LYS A 259 18.98 -4.61 -0.95
N HIS A 260 19.08 -4.46 -2.28
CA HIS A 260 18.86 -5.57 -3.22
C HIS A 260 17.42 -5.96 -2.97
N ILE A 261 16.54 -4.96 -2.97
CA ILE A 261 15.14 -5.21 -2.65
C ILE A 261 14.19 -5.34 -3.81
N ARG A 262 13.00 -5.84 -3.50
CA ARG A 262 11.89 -5.99 -4.44
C ARG A 262 10.65 -6.28 -3.58
N CYS A 263 9.53 -5.67 -3.93
CA CYS A 263 8.30 -5.84 -3.16
C CYS A 263 7.09 -6.15 -4.02
N TRP A 264 6.05 -6.71 -3.41
CA TRP A 264 4.82 -7.06 -4.13
C TRP A 264 3.56 -6.56 -3.45
N CYS A 265 2.51 -6.39 -4.24
CA CYS A 265 1.20 -5.95 -3.76
C CYS A 265 1.23 -4.62 -3.00
N PRO A 266 0.89 -3.54 -3.69
CA PRO A 266 0.89 -2.23 -3.04
C PRO A 266 -0.36 -2.05 -2.20
N ARG A 267 -0.21 -1.32 -1.09
CA ARG A 267 -1.32 -1.03 -0.20
C ARG A 267 -1.24 0.45 0.18
N PRO A 268 -2.36 1.04 0.65
CA PRO A 268 -2.33 2.46 1.01
C PRO A 268 -1.37 2.69 2.17
N PRO A 269 -0.87 3.92 2.31
CA PRO A 269 0.06 4.27 3.38
C PRO A 269 -0.64 4.36 4.73
N ARG A 270 0.12 4.16 5.80
CA ARG A 270 -0.43 4.25 7.14
C ARG A 270 -0.87 5.70 7.28
N ALA A 271 -2.17 5.91 7.48
CA ALA A 271 -2.73 7.26 7.57
C ALA A 271 -2.83 7.86 8.97
N VAL A 272 -2.93 7.00 9.97
CA VAL A 272 -3.08 7.43 11.36
C VAL A 272 -1.92 6.94 12.21
N LEU A 273 -1.83 7.45 13.44
CA LEU A 273 -0.74 7.04 14.33
C LEU A 273 -0.71 5.54 14.54
N TYR A 274 0.48 5.04 14.82
CA TYR A 274 0.66 3.61 15.03
C TYR A 274 0.47 3.19 16.48
N ARG A 275 -0.32 2.17 16.71
CA ARG A 275 -0.47 1.68 18.08
C ARG A 275 -0.01 0.24 18.14
N GLY A 276 1.08 0.02 18.85
CA GLY A 276 1.61 -1.33 18.98
C GLY A 276 2.33 -1.73 17.71
N GLU A 277 2.47 -3.03 17.49
CA GLU A 277 3.14 -3.54 16.31
C GLU A 277 2.13 -3.87 15.23
N GLY A 278 0.88 -4.07 15.62
CA GLY A 278 -0.16 -4.40 14.65
C GLY A 278 -0.76 -3.18 14.00
N VAL A 279 -1.85 -3.40 13.26
CA VAL A 279 -2.55 -2.31 12.58
C VAL A 279 -3.16 -1.33 13.60
N ASP A 280 -3.76 -1.90 14.64
CA ASP A 280 -4.41 -1.17 15.72
C ASP A 280 -4.31 0.35 15.71
N MET A 281 -5.46 0.98 15.93
CA MET A 281 -5.55 2.43 15.95
C MET A 281 -5.89 2.85 17.38
N ILE A 282 -5.78 4.14 17.67
CA ILE A 282 -6.13 4.67 18.98
C ILE A 282 -7.14 5.79 18.78
N SER A 283 -8.30 5.66 19.42
CA SER A 283 -9.38 6.64 19.33
C SER A 283 -8.88 8.06 19.54
N SER A 284 -7.73 8.15 20.19
CA SER A 284 -7.09 9.43 20.46
C SER A 284 -6.70 10.17 19.16
N ALA A 285 -6.16 9.44 18.19
CA ALA A 285 -5.77 10.08 16.95
C ALA A 285 -6.14 9.28 15.72
N ILE A 286 -7.30 9.57 15.15
CA ILE A 286 -7.73 8.89 13.94
C ILE A 286 -8.42 9.85 12.99
N LEU A 287 -7.95 11.08 12.97
CA LEU A 287 -8.48 12.10 12.08
C LEU A 287 -7.32 12.63 11.26
N PRO A 288 -6.90 11.88 10.22
CA PRO A 288 -5.80 12.23 9.35
C PRO A 288 -5.96 13.58 8.68
N LEU A 289 -7.08 13.71 7.99
CA LEU A 289 -7.39 14.93 7.24
C LEU A 289 -7.62 16.21 8.04
N THR A 290 -7.97 17.27 7.30
CA THR A 290 -8.19 18.57 7.90
C THR A 290 -9.37 19.34 7.34
N LYS A 291 -10.22 19.82 8.24
CA LYS A 291 -11.39 20.58 7.82
C LYS A 291 -11.00 21.67 6.83
N VAL A 292 -11.80 21.82 5.79
CA VAL A 292 -11.56 22.86 4.80
C VAL A 292 -12.77 23.75 4.84
N ASP A 293 -12.54 25.06 4.91
CA ASP A 293 -13.64 26.02 4.97
C ASP A 293 -14.85 25.56 4.17
N SER A 294 -14.69 25.52 2.85
CA SER A 294 -15.78 25.11 1.98
C SER A 294 -15.29 24.23 0.85
N ILE A 295 -16.22 23.49 0.26
CA ILE A 295 -15.87 22.62 -0.85
C ILE A 295 -15.39 23.47 -2.03
N THR A 296 -15.68 24.76 -1.97
CA THR A 296 -15.28 25.70 -3.01
C THR A 296 -14.20 26.65 -2.52
N THR A 297 -13.44 26.22 -1.52
CA THR A 297 -12.38 27.05 -0.98
C THR A 297 -11.06 26.63 -1.61
N PHE A 298 -10.52 27.46 -2.49
CA PHE A 298 -9.26 27.13 -3.15
C PHE A 298 -8.11 26.89 -2.19
N ALA B 6 -17.71 -7.72 -34.42
CA ALA B 6 -18.33 -8.97 -33.89
C ALA B 6 -19.84 -8.97 -34.12
N CYS B 7 -20.51 -10.05 -33.70
CA CYS B 7 -21.95 -10.19 -33.84
C CYS B 7 -22.62 -9.42 -32.69
N GLY B 8 -21.95 -8.36 -32.25
CA GLY B 8 -22.46 -7.55 -31.15
C GLY B 8 -22.01 -8.11 -29.81
N TYR B 9 -20.75 -8.52 -29.71
CA TYR B 9 -20.23 -9.07 -28.47
C TYR B 9 -19.98 -7.93 -27.50
N SER B 10 -21.04 -7.59 -26.76
CA SER B 10 -21.02 -6.50 -25.79
C SER B 10 -20.04 -6.75 -24.66
N ASP B 11 -19.43 -5.66 -24.21
CA ASP B 11 -18.48 -5.65 -23.11
C ASP B 11 -19.27 -5.83 -21.80
N ARG B 12 -20.58 -5.57 -21.90
CA ARG B 12 -21.54 -5.64 -20.80
C ARG B 12 -22.03 -7.05 -20.51
N VAL B 13 -22.40 -7.77 -21.57
CA VAL B 13 -22.86 -9.13 -21.42
C VAL B 13 -21.67 -10.05 -21.19
N ARG B 14 -21.84 -11.05 -20.33
CA ARG B 14 -20.76 -11.97 -20.04
C ARG B 14 -21.23 -13.22 -19.31
N GLN B 15 -20.62 -14.36 -19.64
CA GLN B 15 -20.95 -15.62 -18.99
C GLN B 15 -19.70 -16.19 -18.36
N ILE B 16 -19.86 -16.91 -17.27
CA ILE B 16 -18.72 -17.52 -16.60
C ILE B 16 -19.13 -18.93 -16.20
N THR B 17 -18.21 -19.88 -16.33
CA THR B 17 -18.53 -21.26 -15.99
C THR B 17 -17.36 -21.92 -15.31
N LEU B 18 -17.67 -22.73 -14.30
CA LEU B 18 -16.68 -23.48 -13.54
C LEU B 18 -17.47 -24.65 -13.01
N GLY B 19 -16.85 -25.82 -12.94
CA GLY B 19 -17.57 -26.98 -12.46
C GLY B 19 -18.95 -27.05 -13.12
N ASN B 20 -19.99 -27.25 -12.32
CA ASN B 20 -21.35 -27.31 -12.85
C ASN B 20 -22.10 -26.04 -12.51
N SER B 21 -21.37 -24.92 -12.42
CA SER B 21 -21.96 -23.65 -12.08
C SER B 21 -21.75 -22.59 -13.15
N THR B 22 -22.77 -21.77 -13.39
CA THR B 22 -22.66 -20.73 -14.40
C THR B 22 -23.25 -19.38 -14.02
N ILE B 23 -22.45 -18.33 -14.09
CA ILE B 23 -22.93 -16.99 -13.81
C ILE B 23 -23.22 -16.36 -15.14
N THR B 24 -24.08 -15.34 -15.16
CA THR B 24 -24.36 -14.61 -16.39
C THR B 24 -24.63 -13.20 -15.90
N THR B 25 -24.56 -12.23 -16.80
CA THR B 25 -24.82 -10.86 -16.42
C THR B 25 -24.91 -10.03 -17.66
N GLN B 26 -25.98 -9.28 -17.79
CA GLN B 26 -26.16 -8.48 -18.97
C GLN B 26 -25.78 -7.01 -18.79
N GLU B 27 -25.17 -6.66 -17.66
CA GLU B 27 -24.79 -5.27 -17.45
C GLU B 27 -23.44 -5.01 -16.81
N ALA B 28 -22.57 -6.02 -16.78
CA ALA B 28 -21.24 -5.89 -16.18
C ALA B 28 -20.35 -4.85 -16.86
N ALA B 29 -19.25 -4.51 -16.20
CA ALA B 29 -18.31 -3.53 -16.73
C ALA B 29 -16.96 -4.20 -16.91
N ASN B 30 -16.90 -5.15 -17.84
CA ASN B 30 -15.67 -5.87 -18.11
C ASN B 30 -15.47 -6.75 -16.88
N ALA B 31 -14.24 -7.17 -16.64
CA ALA B 31 -13.91 -7.99 -15.49
C ALA B 31 -12.44 -7.72 -15.29
N ILE B 32 -11.93 -7.84 -14.07
CA ILE B 32 -10.52 -7.57 -13.91
C ILE B 32 -9.78 -8.79 -13.39
N VAL B 33 -8.53 -8.92 -13.81
CA VAL B 33 -7.69 -10.03 -13.38
C VAL B 33 -6.58 -9.46 -12.52
N ALA B 34 -6.72 -9.69 -11.22
CA ALA B 34 -5.80 -9.21 -10.21
C ALA B 34 -4.33 -9.18 -10.60
N TYR B 35 -3.72 -8.00 -10.48
CA TYR B 35 -2.31 -7.85 -10.78
C TYR B 35 -1.92 -8.42 -12.14
N GLY B 36 -2.94 -8.65 -12.96
CA GLY B 36 -2.71 -9.18 -14.29
C GLY B 36 -2.36 -10.65 -14.40
N GLU B 37 -2.35 -11.37 -13.29
CA GLU B 37 -2.01 -12.79 -13.34
C GLU B 37 -3.22 -13.66 -13.08
N TRP B 38 -3.25 -14.79 -13.74
CA TRP B 38 -4.36 -15.71 -13.62
C TRP B 38 -3.98 -16.88 -12.71
N PRO B 39 -4.98 -17.56 -12.12
CA PRO B 39 -4.69 -18.68 -11.25
C PRO B 39 -3.86 -19.74 -11.95
N THR B 40 -2.90 -20.29 -11.22
CA THR B 40 -2.00 -21.30 -11.73
C THR B 40 -1.77 -22.37 -10.65
N TYR B 41 -1.10 -23.46 -10.99
CA TYR B 41 -0.79 -24.50 -10.01
C TYR B 41 0.69 -24.36 -9.62
N ILE B 42 1.14 -25.11 -8.61
CA ILE B 42 2.54 -25.04 -8.18
C ILE B 42 3.39 -25.83 -9.16
N ASN B 43 4.39 -25.17 -9.74
CA ASN B 43 5.29 -25.74 -10.74
C ASN B 43 6.42 -26.47 -10.10
N ASP B 44 6.72 -27.65 -10.62
CA ASP B 44 7.78 -28.49 -10.06
C ASP B 44 9.03 -27.75 -9.57
N SER B 45 9.27 -26.55 -10.09
CA SER B 45 10.44 -25.77 -9.68
C SER B 45 10.14 -24.86 -8.50
N GLU B 46 8.85 -24.65 -8.24
CA GLU B 46 8.41 -23.80 -7.14
C GLU B 46 7.83 -24.59 -5.97
N ALA B 47 7.59 -25.89 -6.19
CA ALA B 47 7.02 -26.75 -5.16
C ALA B 47 7.79 -26.72 -3.83
N ASN B 48 7.12 -27.21 -2.78
CA ASN B 48 7.70 -27.27 -1.45
C ASN B 48 7.31 -28.60 -0.80
N PRO B 49 6.00 -28.81 -0.57
CA PRO B 49 5.57 -30.07 0.05
C PRO B 49 5.90 -31.15 -0.97
N VAL B 50 6.45 -32.27 -0.53
CA VAL B 50 6.82 -33.32 -1.46
C VAL B 50 5.78 -34.40 -1.71
N ASP B 51 4.71 -34.41 -0.93
CA ASP B 51 3.69 -35.43 -1.14
C ASP B 51 2.90 -35.07 -2.39
N ALA B 52 2.33 -36.07 -3.04
CA ALA B 52 1.54 -35.81 -4.23
C ALA B 52 0.30 -35.04 -3.82
N PRO B 53 0.11 -33.83 -4.39
CA PRO B 53 -1.04 -32.98 -4.09
C PRO B 53 -2.37 -33.56 -4.51
N THR B 54 -3.42 -33.00 -3.94
CA THR B 54 -4.78 -33.38 -4.26
C THR B 54 -5.35 -32.18 -5.00
N GLU B 55 -5.80 -32.37 -6.22
CA GLU B 55 -6.36 -31.29 -7.00
C GLU B 55 -7.80 -31.69 -7.32
N PRO B 56 -8.74 -31.18 -6.52
CA PRO B 56 -10.20 -31.38 -6.57
C PRO B 56 -10.85 -31.08 -7.89
N ASP B 57 -10.32 -30.10 -8.61
CA ASP B 57 -10.90 -29.75 -9.89
C ASP B 57 -12.38 -29.38 -9.72
N VAL B 58 -13.23 -29.92 -10.57
CA VAL B 58 -14.65 -29.60 -10.53
C VAL B 58 -15.35 -29.77 -9.18
N SER B 59 -15.04 -30.85 -8.45
CA SER B 59 -15.70 -31.08 -7.16
C SER B 59 -15.64 -29.87 -6.23
N SER B 60 -14.59 -29.07 -6.33
CA SER B 60 -14.45 -27.93 -5.45
C SER B 60 -14.23 -26.59 -6.12
N ASN B 61 -13.78 -26.62 -7.36
CA ASN B 61 -13.52 -25.38 -8.08
C ASN B 61 -14.77 -24.98 -8.86
N ARG B 62 -15.75 -24.48 -8.11
CA ARG B 62 -17.02 -24.07 -8.68
C ARG B 62 -17.56 -22.81 -8.01
N PHE B 63 -18.79 -22.45 -8.37
CA PHE B 63 -19.44 -21.26 -7.83
C PHE B 63 -20.34 -21.46 -6.60
N TYR B 64 -19.80 -21.10 -5.44
CA TYR B 64 -20.53 -21.19 -4.19
C TYR B 64 -21.13 -19.80 -3.90
N THR B 65 -22.42 -19.75 -3.60
CA THR B 65 -23.09 -18.46 -3.33
C THR B 65 -23.39 -18.20 -1.85
N LEU B 66 -22.81 -17.12 -1.32
CA LEU B 66 -22.99 -16.73 0.08
C LEU B 66 -24.34 -16.08 0.33
N GLU B 67 -24.81 -16.16 1.58
CA GLU B 67 -26.09 -15.56 1.94
C GLU B 67 -26.02 -14.08 1.63
N SER B 68 -26.95 -13.59 0.83
CA SER B 68 -26.99 -12.19 0.46
C SER B 68 -27.08 -11.31 1.69
N VAL B 69 -26.74 -10.03 1.53
CA VAL B 69 -26.82 -9.07 2.61
C VAL B 69 -27.75 -8.00 2.06
N SER B 70 -27.98 -6.95 2.82
CA SER B 70 -28.86 -5.89 2.34
C SER B 70 -28.28 -4.50 2.41
N TRP B 71 -28.43 -3.78 1.31
CA TRP B 71 -27.92 -2.43 1.20
C TRP B 71 -29.01 -1.46 1.65
N LYS B 72 -28.72 -0.73 2.73
CA LYS B 72 -29.65 0.26 3.27
C LYS B 72 -28.97 1.62 3.26
N THR B 73 -29.76 2.67 3.38
CA THR B 73 -29.22 4.03 3.38
C THR B 73 -28.31 4.20 4.57
N THR B 74 -28.42 3.26 5.48
CA THR B 74 -27.64 3.27 6.69
C THR B 74 -26.42 2.37 6.55
N SER B 75 -26.51 1.36 5.68
CA SER B 75 -25.41 0.41 5.46
C SER B 75 -24.06 1.12 5.39
N ARG B 76 -23.08 0.58 6.12
CA ARG B 76 -21.77 1.20 6.17
C ARG B 76 -20.69 0.44 5.39
N GLY B 77 -20.97 -0.84 5.12
CA GLY B 77 -20.04 -1.68 4.39
C GLY B 77 -20.06 -3.12 4.87
N TRP B 78 -19.37 -4.01 4.15
CA TRP B 78 -19.30 -5.42 4.51
C TRP B 78 -17.91 -5.95 4.22
N TRP B 79 -17.58 -7.11 4.79
CA TRP B 79 -16.30 -7.74 4.54
C TRP B 79 -16.36 -9.24 4.73
N TRP B 80 -15.43 -9.96 4.10
CA TRP B 80 -15.35 -11.41 4.21
C TRP B 80 -13.91 -11.81 4.07
N LYS B 81 -13.62 -13.10 4.26
CA LYS B 81 -12.25 -13.55 4.13
C LYS B 81 -12.13 -14.87 3.37
N LEU B 82 -11.18 -14.93 2.44
CA LEU B 82 -10.93 -16.15 1.68
C LEU B 82 -9.71 -16.77 2.36
N PRO B 83 -9.71 -18.10 2.53
CA PRO B 83 -10.76 -19.06 2.16
C PRO B 83 -11.92 -19.13 3.15
N ASP B 84 -11.71 -18.54 4.32
CA ASP B 84 -12.69 -18.55 5.41
C ASP B 84 -14.15 -18.61 4.98
N CYS B 85 -14.63 -17.54 4.36
CA CYS B 85 -16.02 -17.46 3.95
C CYS B 85 -16.48 -18.54 2.98
N LEU B 86 -15.81 -19.69 3.02
CA LEU B 86 -16.15 -20.80 2.16
C LEU B 86 -15.89 -22.12 2.88
N LYS B 87 -15.21 -22.02 4.03
CA LYS B 87 -14.85 -23.19 4.83
C LYS B 87 -15.99 -24.18 4.99
N ASP B 88 -17.21 -23.71 4.72
CA ASP B 88 -18.37 -24.56 4.86
C ASP B 88 -19.04 -24.84 3.53
N MET B 89 -18.44 -24.32 2.47
CA MET B 89 -18.98 -24.51 1.14
C MET B 89 -18.66 -25.88 0.54
N GLY B 90 -19.72 -26.68 0.41
CA GLY B 90 -19.61 -28.02 -0.14
C GLY B 90 -18.31 -28.79 0.00
N MET B 91 -17.91 -29.36 -1.13
CA MET B 91 -16.71 -30.18 -1.23
C MET B 91 -15.41 -29.41 -0.99
N PHE B 92 -15.36 -28.16 -1.41
CA PHE B 92 -14.18 -27.34 -1.22
C PHE B 92 -13.75 -27.41 0.24
N GLY B 93 -14.71 -27.14 1.12
CA GLY B 93 -14.44 -27.17 2.54
C GLY B 93 -13.82 -28.46 3.01
N GLN B 94 -14.46 -29.57 2.69
CA GLN B 94 -13.95 -30.87 3.10
C GLN B 94 -12.46 -30.97 2.81
N ASN B 95 -12.09 -30.73 1.55
CA ASN B 95 -10.69 -30.79 1.16
C ASN B 95 -9.89 -29.80 2.00
N MET B 96 -10.38 -28.56 2.08
CA MET B 96 -9.69 -27.53 2.86
C MET B 96 -9.33 -28.00 4.26
N TYR B 97 -10.32 -28.57 4.95
CA TYR B 97 -10.12 -29.02 6.32
C TYR B 97 -9.39 -30.34 6.52
N TYR B 98 -9.45 -31.24 5.55
CA TYR B 98 -8.74 -32.51 5.71
C TYR B 98 -7.25 -32.39 5.45
N HIS B 99 -6.84 -31.26 4.88
CA HIS B 99 -5.43 -31.01 4.55
C HIS B 99 -4.78 -29.86 5.32
N TYR B 100 -3.54 -30.10 5.72
CA TYR B 100 -2.72 -29.15 6.45
C TYR B 100 -2.46 -27.94 5.56
N LEU B 101 -2.02 -28.20 4.34
CA LEU B 101 -1.70 -27.14 3.38
C LEU B 101 -2.69 -27.06 2.22
N GLY B 102 -3.10 -25.84 1.90
CA GLY B 102 -4.04 -25.61 0.82
C GLY B 102 -3.69 -24.37 0.02
N ARG B 103 -3.92 -24.43 -1.29
CA ARG B 103 -3.62 -23.32 -2.19
C ARG B 103 -4.79 -23.09 -3.12
N SER B 104 -5.11 -21.82 -3.36
CA SER B 104 -6.21 -21.49 -4.26
C SER B 104 -6.35 -20.04 -4.65
N GLY B 105 -7.01 -19.85 -5.79
CA GLY B 105 -7.28 -18.53 -6.32
C GLY B 105 -8.77 -18.59 -6.51
N TYR B 106 -9.42 -17.45 -6.75
CA TYR B 106 -10.86 -17.46 -6.91
C TYR B 106 -11.36 -16.45 -7.92
N THR B 107 -12.62 -16.61 -8.30
CA THR B 107 -13.28 -15.70 -9.21
C THR B 107 -14.41 -15.13 -8.36
N ILE B 108 -14.33 -13.84 -8.05
CA ILE B 108 -15.34 -13.21 -7.23
C ILE B 108 -16.40 -12.53 -8.09
N HIS B 109 -17.66 -12.82 -7.83
CA HIS B 109 -18.72 -12.19 -8.60
C HIS B 109 -19.77 -11.56 -7.68
N VAL B 110 -19.70 -10.25 -7.53
CA VAL B 110 -20.62 -9.50 -6.68
C VAL B 110 -21.82 -9.01 -7.49
N GLN B 111 -23.02 -9.43 -7.09
CA GLN B 111 -24.25 -9.06 -7.78
C GLN B 111 -25.09 -8.05 -6.99
N CYS B 112 -25.79 -7.17 -7.71
CA CYS B 112 -26.62 -6.16 -7.07
C CYS B 112 -27.41 -5.31 -8.08
N ASN B 113 -28.58 -5.80 -8.47
CA ASN B 113 -29.42 -5.08 -9.43
C ASN B 113 -30.39 -4.15 -8.74
N ALA B 114 -30.76 -3.07 -9.43
CA ALA B 114 -31.70 -2.10 -8.89
C ALA B 114 -32.65 -1.70 -10.01
N SER B 115 -32.70 -0.42 -10.36
CA SER B 115 -33.54 0.03 -11.45
C SER B 115 -32.99 1.35 -11.94
N LYS B 116 -33.28 1.68 -13.19
CA LYS B 116 -32.79 2.93 -13.78
C LYS B 116 -33.13 4.18 -12.97
N PHE B 117 -33.88 3.98 -11.90
CA PHE B 117 -34.30 5.08 -11.02
C PHE B 117 -33.60 5.07 -9.67
N HIS B 118 -32.62 4.19 -9.49
CA HIS B 118 -31.87 4.15 -8.24
C HIS B 118 -30.53 4.85 -8.43
N GLN B 119 -29.84 5.04 -7.33
CA GLN B 119 -28.53 5.67 -7.34
C GLN B 119 -27.74 4.82 -6.39
N GLY B 120 -26.42 4.89 -6.49
CA GLY B 120 -25.60 4.10 -5.60
C GLY B 120 -24.35 3.59 -6.29
N ALA B 121 -23.32 3.36 -5.51
CA ALA B 121 -22.06 2.87 -6.03
C ALA B 121 -21.29 2.11 -4.97
N LEU B 122 -21.11 0.82 -5.22
CA LEU B 122 -20.37 -0.05 -4.33
C LEU B 122 -18.94 -0.24 -4.81
N GLY B 123 -17.99 -0.06 -3.90
CA GLY B 123 -16.61 -0.24 -4.26
C GLY B 123 -16.21 -1.65 -3.83
N VAL B 124 -16.10 -2.59 -4.76
CA VAL B 124 -15.73 -3.95 -4.41
C VAL B 124 -14.22 -4.10 -4.52
N PHE B 125 -13.56 -4.24 -3.38
CA PHE B 125 -12.10 -4.36 -3.35
C PHE B 125 -11.69 -5.75 -2.88
N LEU B 126 -10.60 -6.27 -3.44
CA LEU B 126 -10.10 -7.57 -3.01
C LEU B 126 -8.71 -7.33 -2.45
N ILE B 127 -8.64 -7.26 -1.13
CA ILE B 127 -7.39 -6.97 -0.45
C ILE B 127 -6.65 -8.17 0.10
N PRO B 128 -5.38 -8.30 -0.27
CA PRO B 128 -4.54 -9.41 0.17
C PRO B 128 -4.02 -9.10 1.57
N GLU B 129 -4.02 -10.10 2.44
CA GLU B 129 -3.55 -9.93 3.80
C GLU B 129 -4.33 -8.75 4.40
N PHE B 130 -5.64 -8.95 4.56
CA PHE B 130 -6.52 -7.92 5.11
C PHE B 130 -6.60 -7.96 6.63
N VAL B 131 -5.60 -7.37 7.28
CA VAL B 131 -5.56 -7.35 8.73
C VAL B 131 -6.18 -6.08 9.27
N MET B 132 -7.15 -6.24 10.19
CA MET B 132 -7.84 -5.11 10.80
C MET B 132 -7.47 -4.98 12.29
N ALA B 133 -7.64 -3.77 12.82
CA ALA B 133 -7.33 -3.47 14.22
C ALA B 133 -8.38 -4.03 15.18
N CYS B 134 -7.94 -4.41 16.37
CA CYS B 134 -8.86 -4.94 17.37
C CYS B 134 -9.57 -3.80 18.09
N ASN B 135 -10.74 -4.14 18.65
CA ASN B 135 -11.60 -3.20 19.35
C ASN B 135 -11.37 -3.22 20.86
N THR B 136 -10.24 -2.66 21.29
CA THR B 136 -9.86 -2.60 22.70
C THR B 136 -8.49 -1.98 22.77
N GLU B 137 -8.40 -0.78 23.34
CA GLU B 137 -7.11 -0.13 23.43
C GLU B 137 -6.35 -0.57 24.67
N SER B 138 -6.79 -1.68 25.27
CA SER B 138 -6.15 -2.22 26.46
C SER B 138 -5.15 -3.31 26.04
N LYS B 139 -5.30 -3.80 24.82
CA LYS B 139 -4.43 -4.84 24.28
C LYS B 139 -4.14 -4.57 22.81
N THR B 140 -3.23 -5.34 22.21
CA THR B 140 -2.90 -5.17 20.81
C THR B 140 -3.08 -6.48 20.08
N SER B 141 -3.48 -6.39 18.81
CA SER B 141 -3.67 -7.59 18.01
C SER B 141 -4.49 -8.57 18.83
N TYR B 142 -5.52 -8.03 19.49
CA TYR B 142 -6.38 -8.82 20.34
C TYR B 142 -7.67 -9.20 19.62
N VAL B 143 -7.65 -10.31 18.89
CA VAL B 143 -8.84 -10.76 18.19
C VAL B 143 -8.95 -12.27 18.31
N SER B 144 -10.14 -12.75 18.62
CA SER B 144 -10.32 -14.19 18.78
C SER B 144 -10.47 -14.83 17.41
N TYR B 145 -10.08 -16.10 17.33
CA TYR B 145 -10.19 -16.82 16.09
C TYR B 145 -11.66 -16.78 15.68
N ILE B 146 -12.54 -17.13 16.60
CA ILE B 146 -13.96 -17.14 16.32
C ILE B 146 -14.45 -15.87 15.63
N ASN B 147 -14.06 -14.71 16.17
CA ASN B 147 -14.48 -13.44 15.60
C ASN B 147 -13.79 -13.07 14.31
N ALA B 148 -12.53 -13.46 14.18
CA ALA B 148 -11.77 -13.17 12.97
C ALA B 148 -12.31 -13.94 11.78
N ASN B 149 -12.83 -15.14 12.04
CA ASN B 149 -13.36 -16.00 10.98
C ASN B 149 -14.86 -16.23 11.00
N PRO B 150 -15.64 -15.21 10.62
CA PRO B 150 -17.10 -15.32 10.61
C PRO B 150 -17.67 -16.33 9.61
N GLY B 151 -17.07 -16.43 8.43
CA GLY B 151 -17.57 -17.36 7.44
C GLY B 151 -18.56 -16.74 6.47
N GLU B 152 -19.50 -17.54 6.00
CA GLU B 152 -20.51 -17.10 5.04
C GLU B 152 -21.09 -15.73 5.40
N ARG B 153 -21.18 -15.47 6.70
CA ARG B 153 -21.73 -14.23 7.23
C ARG B 153 -20.81 -13.04 7.05
N GLY B 154 -19.53 -13.25 7.32
CA GLY B 154 -18.57 -12.17 7.19
C GLY B 154 -18.93 -11.04 8.13
N GLY B 155 -18.13 -9.98 8.15
CA GLY B 155 -18.43 -8.87 9.03
C GLY B 155 -19.13 -7.71 8.35
N GLU B 156 -19.14 -6.57 9.04
CA GLU B 156 -19.74 -5.35 8.54
C GLU B 156 -18.90 -4.20 9.04
N PHE B 157 -18.89 -3.13 8.28
CA PHE B 157 -18.13 -1.95 8.67
C PHE B 157 -19.06 -0.99 9.39
N THR B 158 -18.47 -0.18 10.25
CA THR B 158 -19.20 0.83 10.99
C THR B 158 -18.49 2.14 10.72
N ASN B 159 -19.01 3.23 11.28
CA ASN B 159 -18.38 4.52 11.07
C ASN B 159 -18.00 5.16 12.40
N THR B 160 -17.82 4.31 13.41
CA THR B 160 -17.47 4.79 14.75
C THR B 160 -16.46 3.85 15.38
N TYR B 161 -15.62 4.37 16.27
CA TYR B 161 -14.63 3.54 16.93
C TYR B 161 -14.74 3.62 18.47
N ASN B 162 -15.32 2.60 19.09
CA ASN B 162 -15.50 2.60 20.54
C ASN B 162 -14.94 1.35 21.20
N PRO B 163 -13.63 1.35 21.46
CA PRO B 163 -12.95 0.21 22.08
C PRO B 163 -13.43 -0.12 23.48
N SER B 164 -13.49 -1.42 23.80
CA SER B 164 -13.91 -1.87 25.13
C SER B 164 -12.70 -2.34 25.89
N ASN B 165 -12.00 -1.41 26.52
CA ASN B 165 -10.80 -1.73 27.28
C ASN B 165 -11.11 -2.62 28.47
N THR B 166 -12.35 -2.55 28.95
CA THR B 166 -12.79 -3.34 30.09
C THR B 166 -13.34 -4.67 29.60
N ASP B 167 -14.55 -4.61 29.05
CA ASP B 167 -15.23 -5.80 28.54
C ASP B 167 -14.34 -6.54 27.53
N ALA B 168 -13.61 -7.55 28.02
CA ALA B 168 -12.71 -8.31 27.17
C ALA B 168 -13.37 -9.20 26.14
N SER B 169 -14.69 -9.13 26.01
CA SER B 169 -15.38 -9.95 25.01
C SER B 169 -15.80 -9.08 23.84
N GLU B 170 -15.51 -7.79 23.95
CA GLU B 170 -15.84 -6.84 22.91
C GLU B 170 -14.54 -6.35 22.30
N GLY B 171 -13.44 -6.71 22.95
CA GLY B 171 -12.14 -6.31 22.46
C GLY B 171 -11.69 -7.33 21.43
N ARG B 172 -11.98 -8.59 21.72
CA ARG B 172 -11.59 -9.68 20.84
C ARG B 172 -12.34 -9.71 19.51
N LYS B 173 -12.44 -8.55 18.86
CA LYS B 173 -13.11 -8.47 17.55
C LYS B 173 -12.61 -7.25 16.78
N PHE B 174 -12.68 -7.33 15.46
CA PHE B 174 -12.22 -6.26 14.58
C PHE B 174 -12.96 -4.94 14.77
N ALA B 175 -12.23 -3.85 14.59
CA ALA B 175 -12.79 -2.51 14.69
C ALA B 175 -13.04 -1.99 13.26
N ALA B 176 -13.97 -2.63 12.56
CA ALA B 176 -14.32 -2.31 11.17
C ALA B 176 -14.66 -0.85 10.86
N LEU B 177 -13.71 0.04 11.08
CA LEU B 177 -13.92 1.47 10.84
C LEU B 177 -13.88 1.77 9.34
N ASP B 178 -15.05 1.97 8.74
CA ASP B 178 -15.13 2.20 7.31
C ASP B 178 -14.17 3.23 6.69
N TYR B 179 -14.21 4.48 7.12
CA TYR B 179 -13.34 5.48 6.51
C TYR B 179 -11.84 5.21 6.71
N LEU B 180 -11.49 4.05 7.28
CA LEU B 180 -10.09 3.67 7.48
C LEU B 180 -9.83 2.20 7.24
N LEU B 181 -10.80 1.54 6.60
CA LEU B 181 -10.71 0.12 6.29
C LEU B 181 -10.46 -0.71 7.55
N GLY B 182 -10.62 -0.08 8.71
CA GLY B 182 -10.37 -0.79 9.95
C GLY B 182 -8.93 -1.22 9.96
N SER B 183 -8.13 -0.52 9.16
CA SER B 183 -6.70 -0.82 9.05
C SER B 183 -5.86 0.37 9.43
N GLY B 184 -6.44 1.57 9.35
CA GLY B 184 -5.69 2.76 9.70
C GLY B 184 -5.10 3.36 8.44
N VAL B 185 -5.89 3.28 7.38
CA VAL B 185 -5.52 3.80 6.07
C VAL B 185 -6.79 4.33 5.42
N LEU B 186 -6.73 5.54 4.86
CA LEU B 186 -7.92 6.11 4.22
C LEU B 186 -8.48 5.23 3.11
N ALA B 187 -9.74 4.83 3.25
CA ALA B 187 -10.39 3.99 2.25
C ALA B 187 -10.32 4.63 0.87
N GLY B 188 -10.14 5.94 0.84
CA GLY B 188 -10.05 6.64 -0.44
C GLY B 188 -8.98 6.08 -1.36
N ASN B 189 -8.01 5.37 -0.79
CA ASN B 189 -6.92 4.79 -1.56
C ASN B 189 -7.02 3.28 -1.60
N ALA B 190 -8.20 2.73 -1.35
CA ALA B 190 -8.37 1.29 -1.37
C ALA B 190 -8.31 0.79 -2.80
N PHE B 191 -8.19 1.71 -3.74
CA PHE B 191 -8.14 1.36 -5.16
C PHE B 191 -6.79 0.83 -5.63
N VAL B 192 -5.77 0.88 -4.77
CA VAL B 192 -4.47 0.34 -5.16
C VAL B 192 -4.56 -1.18 -5.00
N TYR B 193 -5.79 -1.66 -4.91
CA TYR B 193 -6.06 -3.08 -4.78
C TYR B 193 -6.94 -3.47 -5.95
N PRO B 194 -6.84 -4.72 -6.40
CA PRO B 194 -7.69 -5.12 -7.52
C PRO B 194 -9.13 -4.80 -7.13
N HIS B 195 -9.86 -4.14 -8.03
CA HIS B 195 -11.22 -3.75 -7.70
C HIS B 195 -12.09 -3.39 -8.89
N GLN B 196 -13.37 -3.23 -8.60
CA GLN B 196 -14.37 -2.82 -9.57
C GLN B 196 -15.37 -2.00 -8.77
N ILE B 197 -16.19 -1.21 -9.45
CA ILE B 197 -17.18 -0.38 -8.77
C ILE B 197 -18.54 -0.67 -9.36
N ILE B 198 -19.48 -1.12 -8.53
CA ILE B 198 -20.81 -1.35 -9.05
C ILE B 198 -21.60 -0.06 -8.88
N ASN B 199 -21.61 0.74 -9.94
CA ASN B 199 -22.35 2.00 -9.95
C ASN B 199 -23.69 1.62 -10.59
N LEU B 200 -24.74 1.61 -9.79
CA LEU B 200 -26.07 1.22 -10.25
C LEU B 200 -26.54 1.76 -11.60
N ARG B 201 -26.24 3.01 -11.90
CA ARG B 201 -26.67 3.58 -13.17
C ARG B 201 -25.88 3.03 -14.36
N THR B 202 -24.80 2.31 -14.06
CA THR B 202 -23.91 1.73 -15.07
C THR B 202 -23.93 0.19 -15.13
N ASN B 203 -23.61 -0.47 -14.02
CA ASN B 203 -23.60 -1.93 -14.00
C ASN B 203 -24.36 -2.51 -12.83
N ASN B 204 -24.41 -3.85 -12.78
CA ASN B 204 -25.11 -4.54 -11.70
C ASN B 204 -24.30 -5.75 -11.25
N SER B 205 -23.10 -5.88 -11.77
CA SER B 205 -22.22 -7.00 -11.43
C SER B 205 -20.81 -6.52 -11.28
N ALA B 206 -19.98 -7.36 -10.68
CA ALA B 206 -18.58 -7.06 -10.49
C ALA B 206 -17.89 -8.42 -10.57
N THR B 207 -16.89 -8.51 -11.44
CA THR B 207 -16.18 -9.77 -11.57
C THR B 207 -14.70 -9.54 -11.41
N ILE B 208 -14.13 -10.15 -10.40
CA ILE B 208 -12.72 -10.00 -10.13
C ILE B 208 -12.06 -11.36 -9.97
N VAL B 209 -11.22 -11.74 -10.92
CA VAL B 209 -10.52 -13.02 -10.82
C VAL B 209 -9.22 -12.74 -10.09
N VAL B 210 -8.93 -13.56 -9.09
CA VAL B 210 -7.75 -13.36 -8.29
C VAL B 210 -6.90 -14.64 -8.17
N PRO B 211 -5.57 -14.49 -8.27
CA PRO B 211 -4.62 -15.60 -8.17
C PRO B 211 -4.14 -15.72 -6.73
N TYR B 212 -3.65 -16.90 -6.36
CA TYR B 212 -3.14 -17.09 -5.00
C TYR B 212 -2.08 -16.02 -4.77
N VAL B 213 -2.00 -15.48 -3.56
CA VAL B 213 -1.00 -14.47 -3.24
C VAL B 213 -0.47 -14.73 -1.85
N ASN B 214 0.85 -14.81 -1.74
CA ASN B 214 1.47 -15.10 -0.46
C ASN B 214 2.98 -15.11 -0.57
N SER B 215 3.67 -15.11 0.56
CA SER B 215 5.12 -15.12 0.54
C SER B 215 5.57 -16.56 0.44
N LEU B 216 4.61 -17.45 0.23
CA LEU B 216 4.86 -18.87 0.09
C LEU B 216 4.04 -19.41 -1.07
N VAL B 217 4.38 -20.61 -1.51
CA VAL B 217 3.70 -21.25 -2.61
C VAL B 217 2.34 -21.74 -2.13
N ILE B 218 2.36 -22.57 -1.11
CA ILE B 218 1.13 -23.09 -0.52
C ILE B 218 1.23 -22.78 0.97
N ASP B 219 0.08 -22.55 1.61
CA ASP B 219 0.07 -22.25 3.03
C ASP B 219 -0.99 -23.08 3.74
N CYS B 220 -1.17 -22.80 5.02
CA CYS B 220 -2.16 -23.49 5.84
C CYS B 220 -3.44 -22.64 5.93
N MET B 221 -4.46 -23.01 5.15
CA MET B 221 -5.72 -22.25 5.11
C MET B 221 -6.43 -22.04 6.45
N ALA B 222 -6.51 -23.10 7.26
CA ALA B 222 -7.17 -23.01 8.55
C ALA B 222 -6.60 -21.94 9.48
N LYS B 223 -5.42 -21.39 9.17
CA LYS B 223 -4.82 -20.36 10.01
C LYS B 223 -4.79 -19.02 9.33
N HIS B 224 -4.63 -19.04 8.02
CA HIS B 224 -4.45 -17.83 7.24
C HIS B 224 -5.46 -17.54 6.12
N ASN B 225 -5.94 -16.31 6.06
CA ASN B 225 -6.87 -15.87 5.02
C ASN B 225 -6.06 -14.97 4.09
N ASN B 226 -5.76 -15.47 2.89
CA ASN B 226 -4.99 -14.72 1.92
C ASN B 226 -5.70 -13.43 1.54
N TRP B 227 -6.89 -13.58 0.99
CA TRP B 227 -7.65 -12.42 0.57
C TRP B 227 -8.75 -12.00 1.54
N GLY B 228 -9.21 -10.77 1.33
CA GLY B 228 -10.30 -10.21 2.11
C GLY B 228 -11.16 -9.46 1.12
N ILE B 229 -12.46 -9.73 1.11
CA ILE B 229 -13.37 -9.04 0.21
C ILE B 229 -14.05 -7.91 0.98
N VAL B 230 -13.98 -6.68 0.48
CA VAL B 230 -14.64 -5.56 1.16
C VAL B 230 -15.49 -4.77 0.16
N ILE B 231 -16.69 -4.37 0.60
CA ILE B 231 -17.59 -3.63 -0.25
C ILE B 231 -18.05 -2.38 0.50
N LEU B 232 -17.69 -1.19 0.02
CA LEU B 232 -18.09 0.05 0.68
C LEU B 232 -18.93 0.89 -0.25
N PRO B 233 -20.03 1.45 0.27
CA PRO B 233 -20.87 2.28 -0.60
C PRO B 233 -20.16 3.63 -0.79
N LEU B 234 -19.47 3.79 -1.91
CA LEU B 234 -18.79 5.05 -2.16
C LEU B 234 -19.87 6.09 -2.42
N ALA B 235 -21.00 5.60 -2.91
CA ALA B 235 -22.15 6.44 -3.20
C ALA B 235 -23.27 5.74 -2.46
N PRO B 236 -23.99 6.48 -1.60
CA PRO B 236 -25.09 5.93 -0.81
C PRO B 236 -26.25 5.48 -1.66
N LEU B 237 -26.88 4.37 -1.27
CA LEU B 237 -28.02 3.88 -2.02
C LEU B 237 -29.07 4.97 -1.96
N ALA B 238 -29.92 5.06 -2.97
CA ALA B 238 -30.93 6.10 -2.98
C ALA B 238 -32.07 5.77 -3.92
N PHE B 239 -33.29 6.07 -3.51
CA PHE B 239 -34.46 5.82 -4.34
C PHE B 239 -35.42 6.98 -4.14
N ALA B 240 -35.95 7.48 -5.26
CA ALA B 240 -36.88 8.60 -5.24
C ALA B 240 -38.06 8.40 -4.29
N ALA B 241 -38.57 7.17 -4.25
CA ALA B 241 -39.72 6.82 -3.41
C ALA B 241 -39.42 7.00 -1.91
N THR B 242 -39.19 5.90 -1.21
CA THR B 242 -38.93 5.97 0.23
C THR B 242 -37.59 6.59 0.59
N SER B 243 -37.41 6.84 1.88
CA SER B 243 -36.19 7.39 2.44
C SER B 243 -35.57 6.27 3.25
N SER B 244 -35.93 5.05 2.88
CA SER B 244 -35.46 3.84 3.51
C SER B 244 -35.42 2.75 2.43
N PRO B 245 -34.75 3.02 1.31
CA PRO B 245 -34.67 2.03 0.24
C PRO B 245 -33.78 0.88 0.63
N GLN B 246 -34.02 -0.26 0.00
CA GLN B 246 -33.25 -1.44 0.29
C GLN B 246 -33.12 -2.31 -0.96
N VAL B 247 -31.92 -2.82 -1.18
CA VAL B 247 -31.61 -3.67 -2.32
C VAL B 247 -30.66 -4.76 -1.84
N PRO B 248 -30.85 -5.99 -2.32
CA PRO B 248 -29.98 -7.12 -1.94
C PRO B 248 -28.65 -7.08 -2.66
N ILE B 249 -27.60 -7.53 -1.97
CA ILE B 249 -26.26 -7.61 -2.55
C ILE B 249 -25.88 -9.07 -2.34
N THR B 250 -25.59 -9.78 -3.43
CA THR B 250 -25.21 -11.18 -3.30
C THR B 250 -23.78 -11.41 -3.73
N VAL B 251 -23.09 -12.29 -3.00
CA VAL B 251 -21.70 -12.60 -3.29
C VAL B 251 -21.50 -14.07 -3.63
N THR B 252 -21.06 -14.33 -4.85
CA THR B 252 -20.80 -15.70 -5.31
C THR B 252 -19.30 -15.82 -5.62
N ILE B 253 -18.63 -16.71 -4.91
CA ILE B 253 -17.20 -16.95 -5.05
C ILE B 253 -16.97 -18.34 -5.65
N ALA B 254 -15.90 -18.48 -6.41
CA ALA B 254 -15.54 -19.76 -7.03
C ALA B 254 -14.04 -19.98 -6.98
N PRO B 255 -13.59 -21.00 -6.23
CA PRO B 255 -12.14 -21.25 -6.15
C PRO B 255 -11.63 -21.85 -7.46
N MET B 256 -10.35 -21.69 -7.73
CA MET B 256 -9.74 -22.23 -8.94
C MET B 256 -8.30 -22.66 -8.73
N CYS B 257 -7.90 -23.73 -9.42
CA CYS B 257 -6.55 -24.28 -9.32
C CYS B 257 -6.20 -24.62 -7.88
N THR B 258 -7.15 -25.27 -7.21
CA THR B 258 -6.96 -25.65 -5.82
C THR B 258 -6.18 -26.94 -5.69
N GLU B 259 -5.22 -26.94 -4.79
CA GLU B 259 -4.43 -28.13 -4.53
C GLU B 259 -4.03 -28.13 -3.07
N PHE B 260 -4.02 -29.32 -2.49
CA PHE B 260 -3.71 -29.47 -1.08
C PHE B 260 -2.65 -30.53 -0.84
N ASN B 261 -1.90 -30.36 0.25
CA ASN B 261 -0.85 -31.29 0.64
C ASN B 261 -1.02 -31.54 2.13
N GLY B 262 -0.49 -32.67 2.61
CA GLY B 262 -0.60 -32.99 4.03
C GLY B 262 -1.98 -33.44 4.43
N LEU B 263 -2.31 -34.68 4.10
CA LEU B 263 -3.63 -35.22 4.42
C LEU B 263 -3.56 -35.97 5.74
N ARG B 264 -4.58 -35.76 6.59
CA ARG B 264 -4.67 -36.42 7.89
C ARG B 264 -6.14 -36.45 8.28
N ASN B 265 -6.38 -36.53 9.59
CA ASN B 265 -7.72 -36.51 10.15
C ASN B 265 -8.24 -35.10 9.88
N ILE B 266 -9.56 -34.94 9.86
CA ILE B 266 -10.10 -33.61 9.58
C ILE B 266 -9.95 -32.59 10.68
N THR B 267 -9.79 -31.34 10.26
CA THR B 267 -9.65 -30.21 11.17
C THR B 267 -11.02 -29.68 11.52
N VAL B 268 -11.26 -29.46 12.81
CA VAL B 268 -12.52 -28.89 13.28
C VAL B 268 -12.12 -27.83 14.30
N PRO B 269 -12.16 -26.56 13.90
CA PRO B 269 -11.78 -25.46 14.79
C PRO B 269 -12.77 -25.17 15.91
N VAL B 270 -12.35 -24.31 16.84
CA VAL B 270 -13.19 -23.91 17.95
C VAL B 270 -14.42 -23.21 17.42
N HIS B 271 -15.55 -23.40 18.09
CA HIS B 271 -16.80 -22.78 17.67
C HIS B 271 -17.65 -22.55 18.88
N GLN B 272 -18.81 -21.95 18.66
CA GLN B 272 -19.74 -21.70 19.74
C GLN B 272 -20.97 -22.58 19.57
N GLY C 1 53.58 -2.21 3.46
CA GLY C 1 52.36 -1.32 3.53
C GLY C 1 52.23 -0.34 2.38
N LEU C 2 51.15 -0.47 1.62
CA LEU C 2 50.89 0.39 0.47
C LEU C 2 50.59 1.82 0.93
N PRO C 3 51.49 2.76 0.66
CA PRO C 3 51.32 4.17 1.04
C PRO C 3 49.97 4.78 0.67
N THR C 4 49.16 5.00 1.69
CA THR C 4 47.85 5.59 1.53
C THR C 4 47.77 6.88 2.34
N MET C 5 46.74 7.67 2.07
CA MET C 5 46.55 8.93 2.78
C MET C 5 45.05 9.22 2.86
N ASN C 6 44.51 9.23 4.07
CA ASN C 6 43.09 9.48 4.30
C ASN C 6 42.61 10.85 3.86
N THR C 7 41.37 10.91 3.42
CA THR C 7 40.79 12.14 2.92
C THR C 7 39.54 12.53 3.67
N PRO C 8 39.09 13.78 3.49
CA PRO C 8 37.87 14.26 4.16
C PRO C 8 36.78 13.23 4.01
N GLY C 9 35.86 13.19 4.96
CA GLY C 9 34.78 12.22 4.89
C GLY C 9 35.23 10.89 5.47
N SER C 10 36.54 10.73 5.63
CA SER C 10 37.06 9.48 6.17
C SER C 10 36.45 9.12 7.55
N ASN C 11 35.90 7.91 7.63
CA ASN C 11 35.27 7.39 8.86
C ASN C 11 33.86 7.84 9.19
N GLN C 12 33.32 8.77 8.41
CA GLN C 12 31.96 9.27 8.63
C GLN C 12 30.91 8.23 8.29
N PHE C 13 29.66 8.51 8.67
CA PHE C 13 28.56 7.61 8.37
C PHE C 13 27.47 8.43 7.71
N LEU C 14 27.42 8.38 6.37
CA LEU C 14 26.39 9.11 5.62
C LEU C 14 25.24 8.13 5.34
N THR C 15 24.06 8.38 5.91
CA THR C 15 22.93 7.46 5.70
C THR C 15 22.54 7.20 4.25
N SER C 16 23.14 7.94 3.33
CA SER C 16 22.83 7.73 1.91
C SER C 16 24.03 7.15 1.18
N ASP C 17 25.01 6.62 1.91
CA ASP C 17 26.15 6.01 1.25
C ASP C 17 25.71 4.68 0.64
N ASP C 18 26.51 4.16 -0.28
CA ASP C 18 26.22 2.89 -0.95
C ASP C 18 27.51 2.12 -0.98
N PHE C 19 27.87 1.47 0.13
CA PHE C 19 29.14 0.74 0.17
C PHE C 19 29.02 -0.74 0.47
N GLN C 20 30.15 -1.41 0.34
CA GLN C 20 30.20 -2.84 0.59
C GLN C 20 30.56 -3.09 2.05
N SER C 21 29.72 -3.86 2.73
CA SER C 21 29.92 -4.20 4.13
C SER C 21 30.08 -5.70 4.23
N PRO C 22 30.93 -6.17 5.15
CA PRO C 22 31.11 -7.61 5.28
C PRO C 22 29.80 -8.28 5.74
N CYS C 23 29.61 -9.54 5.37
CA CYS C 23 28.40 -10.26 5.75
C CYS C 23 28.53 -11.06 7.05
N ALA C 24 27.66 -10.76 8.01
CA ALA C 24 27.68 -11.42 9.32
C ALA C 24 27.28 -12.88 9.25
N LEU C 25 26.55 -13.24 8.22
CA LEU C 25 26.11 -14.62 8.03
C LEU C 25 26.63 -15.18 6.71
N PRO C 26 27.91 -15.60 6.69
CA PRO C 26 28.59 -16.16 5.53
C PRO C 26 28.01 -17.47 5.04
N ASN C 27 27.99 -17.63 3.72
CA ASN C 27 27.48 -18.84 3.07
C ASN C 27 26.05 -19.13 3.41
N PHE C 28 25.25 -18.10 3.65
CA PHE C 28 23.86 -18.36 3.98
C PHE C 28 23.12 -18.79 2.72
N ASP C 29 22.59 -20.00 2.74
CA ASP C 29 21.86 -20.50 1.58
C ASP C 29 20.50 -19.81 1.60
N VAL C 30 20.40 -18.70 0.89
CA VAL C 30 19.16 -17.95 0.82
C VAL C 30 17.97 -18.85 0.49
N THR C 31 16.77 -18.30 0.59
CA THR C 31 15.59 -19.10 0.27
C THR C 31 15.24 -18.94 -1.19
N PRO C 32 15.09 -20.06 -1.90
CA PRO C 32 14.75 -20.07 -3.32
C PRO C 32 13.63 -19.09 -3.59
N PRO C 33 13.84 -18.14 -4.50
CA PRO C 33 12.82 -17.15 -4.82
C PRO C 33 11.77 -17.74 -5.74
N ILE C 34 10.52 -17.30 -5.59
CA ILE C 34 9.47 -17.80 -6.46
C ILE C 34 8.72 -16.58 -6.98
N HIS C 35 7.89 -16.79 -7.98
CA HIS C 35 7.15 -15.68 -8.56
C HIS C 35 5.96 -15.30 -7.73
N ILE C 36 5.87 -14.02 -7.39
CA ILE C 36 4.74 -13.52 -6.62
C ILE C 36 3.97 -12.51 -7.46
N PRO C 37 2.65 -12.64 -7.50
CA PRO C 37 1.82 -11.72 -8.28
C PRO C 37 2.04 -10.26 -7.88
N GLY C 38 1.75 -9.37 -8.82
CA GLY C 38 1.88 -7.95 -8.57
C GLY C 38 3.15 -7.35 -7.98
N GLU C 39 4.32 -7.67 -8.51
CA GLU C 39 5.52 -7.05 -7.98
C GLU C 39 5.46 -5.55 -8.34
N VAL C 40 6.37 -4.76 -7.78
CA VAL C 40 6.41 -3.34 -8.07
C VAL C 40 7.87 -2.96 -8.26
N LYS C 41 8.12 -2.09 -9.23
CA LYS C 41 9.48 -1.66 -9.56
C LYS C 41 9.74 -0.18 -9.26
N ASN C 42 8.69 0.62 -9.26
CA ASN C 42 8.87 2.05 -9.04
C ASN C 42 7.64 2.71 -8.40
N MET C 43 7.89 3.55 -7.40
CA MET C 43 6.83 4.25 -6.69
C MET C 43 5.91 4.97 -7.66
N MET C 44 6.47 5.48 -8.74
CA MET C 44 5.67 6.18 -9.75
C MET C 44 4.61 5.30 -10.38
N GLU C 45 4.80 3.98 -10.34
CA GLU C 45 3.81 3.09 -10.90
C GLU C 45 2.53 3.30 -10.10
N LEU C 46 2.67 3.34 -8.78
CA LEU C 46 1.55 3.55 -7.86
C LEU C 46 0.94 4.93 -8.06
N ALA C 47 1.79 5.92 -8.30
CA ALA C 47 1.34 7.28 -8.53
C ALA C 47 0.42 7.42 -9.74
N GLU C 48 0.37 6.39 -10.57
CA GLU C 48 -0.49 6.43 -11.76
C GLU C 48 -1.85 5.80 -11.46
N ILE C 49 -1.94 5.12 -10.33
CA ILE C 49 -3.18 4.48 -9.94
C ILE C 49 -4.18 5.54 -9.50
N ASP C 50 -5.41 5.40 -9.98
CA ASP C 50 -6.49 6.32 -9.67
C ASP C 50 -6.98 6.22 -8.23
N THR C 51 -6.69 7.25 -7.42
CA THR C 51 -7.18 7.26 -6.03
C THR C 51 -8.31 8.28 -5.87
N LEU C 52 -9.03 8.16 -4.75
CA LEU C 52 -10.18 9.03 -4.44
C LEU C 52 -9.78 10.30 -3.71
N ILE C 53 -10.34 11.44 -4.13
CA ILE C 53 -10.06 12.72 -3.50
C ILE C 53 -11.14 13.13 -2.48
N PRO C 54 -10.73 13.68 -1.32
CA PRO C 54 -11.67 14.11 -0.29
C PRO C 54 -12.15 15.53 -0.62
N MET C 55 -12.58 15.72 -1.86
CA MET C 55 -13.06 17.01 -2.35
C MET C 55 -13.87 17.80 -1.35
N ASN C 56 -14.79 17.09 -0.69
CA ASN C 56 -15.72 17.66 0.28
C ASN C 56 -15.37 17.34 1.74
N ALA C 57 -14.16 17.71 2.16
CA ALA C 57 -13.71 17.50 3.53
C ALA C 57 -14.08 18.77 4.29
N VAL C 58 -15.37 19.05 4.31
CA VAL C 58 -15.93 20.21 4.98
C VAL C 58 -16.33 19.76 6.38
N ASP C 59 -16.56 20.71 7.27
CA ASP C 59 -16.95 20.38 8.63
C ASP C 59 -18.17 19.45 8.64
N GLY C 60 -18.09 18.40 9.44
CA GLY C 60 -19.17 17.44 9.52
C GLY C 60 -19.04 16.35 8.48
N LYS C 61 -18.15 16.59 7.54
CA LYS C 61 -17.89 15.67 6.45
C LYS C 61 -16.46 15.13 6.50
N VAL C 62 -15.52 15.97 6.91
CA VAL C 62 -14.13 15.55 6.99
C VAL C 62 -14.02 14.21 7.68
N ASN C 63 -12.84 13.62 7.62
CA ASN C 63 -12.57 12.33 8.24
C ASN C 63 -13.75 11.34 8.32
N THR C 64 -14.52 11.26 7.24
CA THR C 64 -15.63 10.32 7.12
C THR C 64 -15.87 10.05 5.65
N MET C 65 -16.27 8.82 5.32
CA MET C 65 -16.53 8.43 3.94
C MET C 65 -17.24 9.53 3.15
N GLU C 66 -18.11 10.25 3.84
CA GLU C 66 -18.90 11.32 3.23
C GLU C 66 -18.06 12.39 2.51
N MET C 67 -16.80 12.52 2.92
CA MET C 67 -15.89 13.52 2.36
C MET C 67 -15.48 13.25 0.92
N TYR C 68 -15.57 11.99 0.53
CA TYR C 68 -15.21 11.57 -0.82
C TYR C 68 -16.37 11.80 -1.78
N GLN C 69 -17.55 12.09 -1.23
CA GLN C 69 -18.74 12.30 -2.03
C GLN C 69 -19.05 13.75 -2.38
N ILE C 70 -18.91 14.07 -3.66
CA ILE C 70 -19.16 15.42 -4.12
C ILE C 70 -20.66 15.65 -4.39
N PRO C 71 -21.23 16.68 -3.76
CA PRO C 71 -22.64 17.06 -3.87
C PRO C 71 -23.07 17.57 -5.26
N LEU C 72 -24.18 17.03 -5.75
CA LEU C 72 -24.75 17.41 -7.05
C LEU C 72 -26.27 17.38 -6.94
N ASN C 73 -26.95 18.28 -7.65
CA ASN C 73 -28.40 18.29 -7.58
C ASN C 73 -29.16 18.83 -8.79
N ASP C 74 -30.47 18.72 -8.69
CA ASP C 74 -31.43 19.13 -9.70
C ASP C 74 -31.44 20.63 -10.03
N ASN C 75 -31.36 21.45 -9.00
CA ASN C 75 -31.40 22.92 -9.15
C ASN C 75 -30.29 23.45 -10.04
N LEU C 76 -30.53 24.61 -10.64
CA LEU C 76 -29.53 25.19 -11.53
C LEU C 76 -28.86 26.40 -10.93
N SER C 77 -27.58 26.27 -10.60
CA SER C 77 -26.84 27.39 -10.04
C SER C 77 -25.71 27.79 -10.98
N LYS C 78 -24.99 28.83 -10.60
CA LYS C 78 -23.87 29.31 -11.39
C LYS C 78 -22.67 29.27 -10.45
N ALA C 79 -22.79 28.46 -9.42
CA ALA C 79 -21.74 28.35 -8.44
C ALA C 79 -20.84 27.16 -8.65
N PRO C 80 -19.56 27.31 -8.28
CA PRO C 80 -18.56 26.25 -8.42
C PRO C 80 -19.07 25.02 -7.70
N ILE C 81 -19.00 23.87 -8.36
CA ILE C 81 -19.44 22.64 -7.73
C ILE C 81 -18.33 22.25 -6.76
N PHE C 82 -17.16 22.83 -7.01
CA PHE C 82 -16.00 22.61 -6.16
C PHE C 82 -14.86 23.46 -6.66
N CYS C 83 -13.84 23.59 -5.82
CA CYS C 83 -12.67 24.37 -6.16
C CYS C 83 -11.47 23.73 -5.50
N LEU C 84 -10.46 23.42 -6.30
CA LEU C 84 -9.26 22.79 -5.80
C LEU C 84 -8.04 23.53 -6.30
N SER C 85 -7.05 23.69 -5.43
CA SER C 85 -5.81 24.37 -5.79
C SER C 85 -4.80 23.29 -6.19
N LEU C 86 -4.15 23.44 -7.35
CA LEU C 86 -3.21 22.43 -7.81
C LEU C 86 -1.89 22.40 -7.05
N SER C 87 -1.86 21.61 -5.98
CA SER C 87 -0.67 21.45 -5.16
C SER C 87 -0.73 20.06 -4.55
N PRO C 88 -0.45 19.04 -5.37
CA PRO C 88 -0.44 17.61 -5.07
C PRO C 88 -0.05 17.18 -3.66
N ALA C 89 0.98 17.80 -3.10
CA ALA C 89 1.45 17.42 -1.76
C ALA C 89 1.04 18.37 -0.65
N SER C 90 0.71 19.61 -1.02
CA SER C 90 0.29 20.65 -0.08
C SER C 90 -1.18 20.53 0.30
N ASP C 91 -2.06 21.07 -0.54
CA ASP C 91 -3.50 21.06 -0.29
C ASP C 91 -3.96 19.95 0.67
N LYS C 92 -4.65 20.35 1.73
CA LYS C 92 -5.16 19.44 2.75
C LYS C 92 -5.93 18.28 2.16
N ARG C 93 -6.66 18.54 1.08
CA ARG C 93 -7.44 17.50 0.42
C ARG C 93 -6.64 16.53 -0.44
N LEU C 94 -5.74 17.05 -1.28
CA LEU C 94 -4.91 16.20 -2.15
C LEU C 94 -3.79 15.47 -1.42
N SER C 95 -3.11 16.18 -0.53
CA SER C 95 -1.98 15.61 0.21
C SER C 95 -2.21 14.20 0.71
N HIS C 96 -3.47 13.81 0.90
CA HIS C 96 -3.71 12.47 1.43
C HIS C 96 -4.07 11.36 0.46
N THR C 97 -4.13 11.69 -0.83
CA THR C 97 -4.43 10.70 -1.88
C THR C 97 -3.15 9.93 -2.16
N MET C 98 -3.28 8.72 -2.71
CA MET C 98 -2.11 7.91 -3.00
C MET C 98 -1.06 8.76 -3.73
N LEU C 99 -1.48 9.49 -4.77
CA LEU C 99 -0.56 10.35 -5.48
C LEU C 99 0.13 11.27 -4.49
N GLY C 100 -0.68 11.95 -3.68
CA GLY C 100 -0.15 12.86 -2.69
C GLY C 100 0.83 12.21 -1.73
N GLU C 101 0.39 11.16 -1.04
CA GLU C 101 1.23 10.46 -0.08
C GLU C 101 2.63 10.18 -0.63
N ILE C 102 2.68 9.80 -1.90
CA ILE C 102 3.94 9.49 -2.56
C ILE C 102 4.73 10.76 -2.83
N LEU C 103 4.11 11.74 -3.45
CA LEU C 103 4.78 13.00 -3.71
C LEU C 103 5.41 13.50 -2.42
N ASN C 104 4.74 13.23 -1.31
CA ASN C 104 5.21 13.69 0.01
C ASN C 104 6.48 13.05 0.55
N TYR C 105 7.01 12.08 -0.17
CA TYR C 105 8.25 11.44 0.23
C TYR C 105 9.37 12.03 -0.61
N TYR C 106 8.99 12.91 -1.53
CA TYR C 106 9.97 13.58 -2.39
C TYR C 106 9.83 15.09 -2.32
N THR C 107 10.86 15.80 -2.77
CA THR C 107 10.89 17.25 -2.72
C THR C 107 10.37 17.99 -3.95
N HIS C 108 10.63 17.44 -5.13
CA HIS C 108 10.19 18.06 -6.39
C HIS C 108 9.27 17.13 -7.18
N TRP C 109 8.50 17.72 -8.09
CA TRP C 109 7.62 16.90 -8.93
C TRP C 109 7.39 17.61 -10.26
N THR C 110 7.14 16.80 -11.30
CA THR C 110 6.87 17.28 -12.64
C THR C 110 5.87 16.33 -13.29
N GLY C 111 5.15 16.83 -14.29
CA GLY C 111 4.20 15.98 -14.97
C GLY C 111 2.80 16.53 -15.07
N SER C 112 1.94 15.75 -15.70
CA SER C 112 0.56 16.13 -15.89
C SER C 112 -0.28 15.32 -14.91
N ILE C 113 -1.30 15.96 -14.33
CA ILE C 113 -2.18 15.26 -13.39
C ILE C 113 -3.53 14.94 -14.05
N ARG C 114 -4.00 13.73 -13.80
CA ARG C 114 -5.25 13.25 -14.38
C ARG C 114 -6.39 13.24 -13.38
N PHE C 115 -7.34 14.15 -13.58
CA PHE C 115 -8.52 14.22 -12.73
C PHE C 115 -9.66 13.49 -13.42
N THR C 116 -10.10 12.39 -12.83
CA THR C 116 -11.16 11.58 -13.41
C THR C 116 -12.37 11.56 -12.48
N PHE C 117 -13.55 11.88 -13.03
CA PHE C 117 -14.77 11.90 -12.23
C PHE C 117 -15.81 10.87 -12.67
N LEU C 118 -16.43 10.24 -11.67
CA LEU C 118 -17.44 9.23 -11.92
C LEU C 118 -18.78 9.70 -11.38
N PHE C 119 -19.72 10.05 -12.26
CA PHE C 119 -21.04 10.49 -11.82
C PHE C 119 -21.86 9.29 -11.35
N CYS C 120 -22.27 9.33 -10.09
CA CYS C 120 -23.01 8.23 -9.51
C CYS C 120 -24.52 8.45 -9.37
N GLY C 121 -25.06 9.41 -10.11
CA GLY C 121 -26.49 9.65 -10.03
C GLY C 121 -27.28 8.46 -10.54
N SER C 122 -28.58 8.65 -10.76
CA SER C 122 -29.42 7.57 -11.26
C SER C 122 -29.25 7.55 -12.76
N MET C 123 -29.42 6.38 -13.35
CA MET C 123 -29.28 6.25 -14.80
C MET C 123 -30.12 7.32 -15.49
N MET C 124 -31.31 7.55 -14.94
CA MET C 124 -32.26 8.50 -15.51
C MET C 124 -31.90 9.98 -15.48
N ALA C 125 -30.87 10.36 -14.72
CA ALA C 125 -30.47 11.75 -14.62
C ALA C 125 -29.48 12.19 -15.70
N THR C 126 -29.77 13.31 -16.37
CA THR C 126 -28.88 13.81 -17.42
C THR C 126 -28.13 15.03 -16.90
N GLY C 127 -27.35 15.68 -17.77
CA GLY C 127 -26.63 16.86 -17.34
C GLY C 127 -25.27 17.02 -17.98
N LYS C 128 -24.80 18.27 -18.05
CA LYS C 128 -23.51 18.58 -18.62
C LYS C 128 -22.67 19.46 -17.71
N LEU C 129 -21.63 18.92 -17.10
CA LEU C 129 -20.76 19.71 -16.24
C LEU C 129 -19.61 20.31 -17.06
N LEU C 130 -18.75 21.07 -16.40
CA LEU C 130 -17.62 21.68 -17.07
C LEU C 130 -16.43 21.72 -16.12
N LEU C 131 -15.46 20.84 -16.34
CA LEU C 131 -14.27 20.76 -15.50
C LEU C 131 -13.19 21.66 -16.10
N SER C 132 -12.40 22.31 -15.24
CA SER C 132 -11.38 23.21 -15.75
C SER C 132 -10.15 23.44 -14.88
N TYR C 133 -9.01 23.52 -15.56
CA TYR C 133 -7.72 23.77 -14.93
C TYR C 133 -7.23 25.09 -15.51
N SER C 134 -7.07 26.09 -14.65
CA SER C 134 -6.59 27.39 -15.08
C SER C 134 -5.20 27.59 -14.48
N PRO C 135 -4.17 27.62 -15.33
CA PRO C 135 -2.81 27.82 -14.79
C PRO C 135 -2.70 29.16 -14.04
N PRO C 136 -1.88 29.18 -12.97
CA PRO C 136 -1.67 30.37 -12.12
C PRO C 136 -1.37 31.69 -12.82
N GLY C 137 -1.45 32.77 -12.05
CA GLY C 137 -1.16 34.07 -12.60
C GLY C 137 -2.25 35.11 -12.59
N ALA C 138 -3.52 34.69 -12.59
CA ALA C 138 -4.62 35.65 -12.59
C ALA C 138 -5.70 35.36 -11.56
N LYS C 139 -6.71 36.23 -11.53
CA LYS C 139 -7.82 36.12 -10.59
C LYS C 139 -8.37 34.70 -10.63
N PRO C 140 -8.42 34.03 -9.47
CA PRO C 140 -8.95 32.66 -9.45
C PRO C 140 -10.38 32.63 -9.96
N PRO C 141 -10.70 31.67 -10.84
CA PRO C 141 -12.02 31.49 -11.45
C PRO C 141 -13.11 31.22 -10.43
N THR C 142 -13.92 32.23 -10.20
CA THR C 142 -15.01 32.10 -9.26
C THR C 142 -16.27 31.73 -10.03
N ASN C 143 -16.42 32.29 -11.22
CA ASN C 143 -17.58 32.02 -12.05
C ASN C 143 -17.19 31.22 -13.28
N ARG C 144 -18.19 30.71 -13.99
CA ARG C 144 -17.96 29.89 -15.18
C ARG C 144 -17.32 30.64 -16.36
N LYS C 145 -17.82 31.82 -16.65
CA LYS C 145 -17.32 32.61 -17.76
C LYS C 145 -15.82 32.92 -17.65
N ASP C 146 -15.22 32.50 -16.53
CA ASP C 146 -13.80 32.74 -16.30
C ASP C 146 -13.01 31.46 -16.37
N ALA C 147 -13.63 30.39 -15.88
CA ALA C 147 -13.00 29.07 -15.90
C ALA C 147 -13.00 28.60 -17.35
N MET C 148 -14.08 28.93 -18.06
CA MET C 148 -14.20 28.55 -19.46
C MET C 148 -13.10 29.17 -20.33
N LEU C 149 -12.45 30.24 -19.85
CA LEU C 149 -11.38 30.89 -20.60
C LEU C 149 -10.03 30.20 -20.51
N GLY C 150 -9.96 29.10 -19.75
CA GLY C 150 -8.72 28.36 -19.61
C GLY C 150 -8.89 26.93 -20.11
N THR C 151 -8.00 26.04 -19.68
CA THR C 151 -8.09 24.65 -20.10
C THR C 151 -9.34 24.02 -19.49
N HIS C 152 -10.23 23.53 -20.34
CA HIS C 152 -11.45 22.90 -19.86
C HIS C 152 -12.03 21.85 -20.77
N ILE C 153 -13.03 21.14 -20.26
CA ILE C 153 -13.70 20.08 -21.01
C ILE C 153 -15.15 20.01 -20.56
N ILE C 154 -16.06 20.01 -21.53
CA ILE C 154 -17.48 19.93 -21.22
C ILE C 154 -17.89 18.48 -21.19
N TRP C 155 -18.01 17.95 -19.98
CA TRP C 155 -18.37 16.56 -19.76
C TRP C 155 -19.87 16.34 -19.84
N ASP C 156 -20.29 15.44 -20.72
CA ASP C 156 -21.70 15.14 -20.88
C ASP C 156 -22.01 13.82 -20.18
N LEU C 157 -22.83 13.87 -19.14
CA LEU C 157 -23.19 12.65 -18.42
C LEU C 157 -23.93 11.72 -19.38
N GLY C 158 -23.52 10.47 -19.40
CA GLY C 158 -24.16 9.52 -20.30
C GLY C 158 -23.73 8.11 -19.97
N LEU C 159 -23.92 7.19 -20.92
CA LEU C 159 -23.56 5.80 -20.68
C LEU C 159 -22.13 5.66 -20.17
N GLN C 160 -21.24 6.50 -20.69
CA GLN C 160 -19.86 6.49 -20.24
C GLN C 160 -19.87 7.23 -18.92
N SER C 161 -19.89 6.47 -17.84
CA SER C 161 -19.94 7.02 -16.50
C SER C 161 -18.86 8.04 -16.20
N SER C 162 -17.60 7.62 -16.31
CA SER C 162 -16.46 8.47 -16.02
C SER C 162 -16.04 9.45 -17.12
N CYS C 163 -15.27 10.45 -16.72
CA CYS C 163 -14.75 11.44 -17.65
C CYS C 163 -13.52 12.08 -17.02
N SER C 164 -12.44 12.13 -17.78
CA SER C 164 -11.20 12.71 -17.28
C SER C 164 -10.95 14.08 -17.85
N MET C 165 -10.26 14.90 -17.07
CA MET C 165 -9.88 16.25 -17.45
C MET C 165 -8.45 16.31 -17.00
N VAL C 166 -7.55 16.57 -17.95
CA VAL C 166 -6.14 16.59 -17.60
C VAL C 166 -5.56 17.95 -17.35
N ALA C 167 -4.64 17.98 -16.41
CA ALA C 167 -3.95 19.20 -16.04
C ALA C 167 -2.59 19.14 -16.72
N PRO C 168 -2.51 19.58 -17.98
CA PRO C 168 -1.28 19.59 -18.78
C PRO C 168 -0.18 20.27 -18.01
N TRP C 169 0.93 19.58 -17.80
CA TRP C 169 2.02 20.21 -17.08
C TRP C 169 2.41 21.53 -17.74
N ILE C 170 1.96 22.62 -17.12
CA ILE C 170 2.27 23.96 -17.61
C ILE C 170 2.89 24.62 -16.38
N SER C 171 4.18 24.89 -16.47
CA SER C 171 4.91 25.50 -15.36
C SER C 171 6.04 26.34 -15.91
N ASN C 172 6.60 27.20 -15.08
CA ASN C 172 7.70 28.02 -15.53
C ASN C 172 8.96 27.24 -15.21
N THR C 173 9.07 26.75 -13.98
CA THR C 173 10.24 25.96 -13.59
C THR C 173 9.97 24.57 -14.14
N VAL C 174 11.02 23.78 -14.29
CA VAL C 174 10.85 22.44 -14.83
C VAL C 174 10.31 21.47 -13.77
N TYR C 175 10.57 21.78 -12.50
CA TYR C 175 10.09 20.97 -11.39
C TYR C 175 9.38 21.88 -10.38
N ARG C 176 8.35 21.37 -9.72
CA ARG C 176 7.63 22.15 -8.71
C ARG C 176 7.96 21.61 -7.33
N ARG C 177 8.03 22.50 -6.32
CA ARG C 177 8.36 22.07 -4.96
C ARG C 177 7.15 21.36 -4.37
N CYS C 178 7.40 20.31 -3.61
CA CYS C 178 6.30 19.57 -3.01
C CYS C 178 5.65 20.35 -1.89
N ALA C 179 6.47 21.05 -1.11
CA ALA C 179 5.95 21.88 -0.02
C ALA C 179 5.19 23.05 -0.66
N ARG C 180 4.30 23.69 0.09
CA ARG C 180 3.54 24.80 -0.47
C ARG C 180 4.45 26.02 -0.65
N ASP C 181 4.44 26.56 -1.86
CA ASP C 181 5.28 27.68 -2.19
C ASP C 181 4.59 28.52 -3.27
N ASP C 182 4.75 29.84 -3.16
CA ASP C 182 4.15 30.76 -4.13
C ASP C 182 4.85 30.73 -5.47
N PHE C 183 6.18 30.64 -5.45
CA PHE C 183 6.92 30.61 -6.70
C PHE C 183 6.43 29.44 -7.55
N THR C 184 6.28 28.28 -6.91
CA THR C 184 5.83 27.07 -7.59
C THR C 184 4.30 26.91 -7.54
N GLU C 185 3.59 27.95 -7.98
CA GLU C 185 2.14 27.91 -8.01
C GLU C 185 1.65 26.85 -8.96
N GLY C 186 0.54 26.19 -8.61
CA GLY C 186 -0.01 25.15 -9.45
C GLY C 186 -1.13 25.58 -10.40
N GLY C 187 -2.14 26.28 -9.89
CA GLY C 187 -3.25 26.69 -10.73
C GLY C 187 -4.58 26.35 -10.09
N PHE C 188 -5.68 26.54 -10.81
CA PHE C 188 -7.00 26.26 -10.22
C PHE C 188 -7.91 25.33 -10.98
N ILE C 189 -8.25 24.22 -10.33
CA ILE C 189 -9.17 23.24 -10.89
C ILE C 189 -10.54 23.50 -10.28
N THR C 190 -11.52 23.86 -11.10
CA THR C 190 -12.87 24.09 -10.61
C THR C 190 -13.85 23.25 -11.40
N CYS C 191 -15.14 23.47 -11.15
CA CYS C 191 -16.18 22.74 -11.85
C CYS C 191 -17.42 23.62 -11.85
N PHE C 192 -18.29 23.45 -12.84
CA PHE C 192 -19.52 24.23 -12.95
C PHE C 192 -20.58 23.39 -13.63
N TYR C 193 -21.71 24.01 -13.92
CA TYR C 193 -22.77 23.30 -14.63
C TYR C 193 -22.77 23.93 -16.02
N GLN C 194 -22.80 23.11 -17.06
CA GLN C 194 -22.86 23.66 -18.42
C GLN C 194 -24.32 24.00 -18.63
N THR C 195 -25.19 23.12 -18.12
CA THR C 195 -26.63 23.27 -18.17
C THR C 195 -27.10 23.05 -16.73
N ARG C 196 -27.57 21.85 -16.41
CA ARG C 196 -27.99 21.53 -15.05
C ARG C 196 -28.45 20.08 -15.01
N ILE C 197 -28.05 19.34 -13.99
CA ILE C 197 -28.49 17.96 -13.92
C ILE C 197 -30.00 18.00 -14.01
N VAL C 198 -30.58 17.13 -14.84
CA VAL C 198 -32.03 17.09 -14.97
C VAL C 198 -32.55 15.68 -14.74
N VAL C 199 -33.52 15.53 -13.84
CA VAL C 199 -34.08 14.21 -13.58
C VAL C 199 -35.56 14.28 -13.88
N PRO C 200 -36.19 13.12 -14.00
CA PRO C 200 -37.62 13.15 -14.29
C PRO C 200 -38.46 12.71 -13.10
N ALA C 201 -39.67 12.28 -13.46
CA ALA C 201 -40.63 11.79 -12.49
C ALA C 201 -40.02 10.72 -11.60
N SER C 202 -40.21 10.84 -10.29
CA SER C 202 -39.73 9.84 -9.34
C SER C 202 -38.25 9.54 -9.41
N THR C 203 -37.43 10.57 -9.55
CA THR C 203 -36.00 10.38 -9.66
C THR C 203 -35.21 11.15 -8.62
N PRO C 204 -34.35 10.45 -7.85
CA PRO C 204 -33.55 11.11 -6.83
C PRO C 204 -33.04 12.44 -7.38
N THR C 205 -33.46 13.53 -6.76
CA THR C 205 -33.11 14.88 -7.20
C THR C 205 -31.73 15.35 -6.77
N SER C 206 -31.06 14.57 -5.94
CA SER C 206 -29.73 14.96 -5.49
C SER C 206 -28.83 13.75 -5.40
N MET C 207 -27.60 13.88 -5.86
CA MET C 207 -26.67 12.77 -5.81
C MET C 207 -25.24 13.27 -5.76
N PHE C 208 -24.31 12.38 -6.08
CA PHE C 208 -22.90 12.74 -6.06
C PHE C 208 -22.10 12.24 -7.25
N MET C 209 -20.81 12.56 -7.22
CA MET C 209 -19.86 12.14 -8.22
C MET C 209 -18.55 11.96 -7.46
N LEU C 210 -17.77 10.95 -7.84
CA LEU C 210 -16.51 10.69 -7.18
C LEU C 210 -15.36 11.29 -7.98
N GLY C 211 -14.43 11.94 -7.29
CA GLY C 211 -13.31 12.56 -7.97
C GLY C 211 -12.01 11.84 -7.66
N PHE C 212 -11.35 11.36 -8.71
CA PHE C 212 -10.08 10.66 -8.56
C PHE C 212 -8.93 11.44 -9.16
N VAL C 213 -7.73 11.23 -8.64
CA VAL C 213 -6.55 11.89 -9.17
C VAL C 213 -5.45 10.84 -9.34
N SER C 214 -4.71 10.98 -10.43
CA SER C 214 -3.62 10.06 -10.76
C SER C 214 -2.59 10.81 -11.59
N ALA C 215 -1.41 10.24 -11.74
CA ALA C 215 -0.36 10.89 -12.52
C ALA C 215 -0.27 10.32 -13.92
N CYS C 216 0.16 11.16 -14.86
CA CYS C 216 0.32 10.75 -16.24
C CYS C 216 1.73 10.22 -16.45
N PRO C 217 1.94 9.41 -17.50
CA PRO C 217 3.23 8.81 -17.81
C PRO C 217 4.41 9.78 -18.01
N ASP C 218 4.15 11.07 -18.03
CA ASP C 218 5.23 12.06 -18.17
C ASP C 218 5.62 12.59 -16.79
N PHE C 219 4.99 12.02 -15.77
CA PHE C 219 5.18 12.40 -14.38
C PHE C 219 6.37 11.72 -13.70
N SER C 220 7.13 12.51 -12.98
CA SER C 220 8.30 12.04 -12.24
C SER C 220 8.46 12.88 -10.97
N VAL C 221 9.09 12.32 -9.94
CA VAL C 221 9.31 13.05 -8.69
C VAL C 221 10.75 12.82 -8.25
N ARG C 222 11.38 13.80 -7.62
CA ARG C 222 12.77 13.62 -7.18
C ARG C 222 13.13 14.28 -5.85
N LEU C 223 14.23 13.80 -5.28
CA LEU C 223 14.80 14.25 -4.01
C LEU C 223 14.08 13.67 -2.79
N LEU C 224 14.42 12.43 -2.46
CA LEU C 224 13.83 11.71 -1.34
C LEU C 224 13.95 12.52 -0.05
N LYS C 225 12.79 12.80 0.56
CA LYS C 225 12.69 13.53 1.83
C LYS C 225 11.79 12.69 2.73
N ASP C 226 11.81 12.95 4.04
CA ASP C 226 10.95 12.22 4.98
C ASP C 226 9.56 12.83 4.88
N THR C 227 8.55 12.07 5.25
CA THR C 227 7.19 12.58 5.14
C THR C 227 6.69 13.18 6.43
N PRO C 228 5.97 14.31 6.32
CA PRO C 228 5.41 14.99 7.49
C PRO C 228 4.20 14.22 8.01
N HIS C 229 3.46 13.60 7.10
CA HIS C 229 2.26 12.85 7.41
C HIS C 229 2.23 11.82 8.53
N ILE C 230 3.34 11.59 9.21
CA ILE C 230 3.29 10.65 10.31
C ILE C 230 4.09 11.18 11.48
N SER C 231 3.61 10.88 12.69
CA SER C 231 4.26 11.34 13.91
C SER C 231 4.63 10.16 14.78
N GLN C 232 5.40 10.44 15.82
CA GLN C 232 5.81 9.39 16.73
C GLN C 232 6.35 9.96 18.01
N SER C 233 5.73 9.57 19.12
CA SER C 233 6.12 10.03 20.43
C SER C 233 7.54 9.59 20.77
N LYS C 234 8.40 10.56 21.05
CA LYS C 234 9.79 10.29 21.41
C LYS C 234 9.81 8.97 22.17
N LEU C 235 10.60 8.00 21.71
CA LEU C 235 10.61 6.70 22.36
C LEU C 235 11.15 6.65 23.78
N ILE C 236 10.43 5.88 24.59
CA ILE C 236 10.68 5.64 26.01
C ILE C 236 12.15 5.60 26.46
N GLY C 237 12.76 4.41 26.36
CA GLY C 237 14.13 4.25 26.78
C GLY C 237 14.19 3.17 27.85
N ARG C 238 14.98 3.42 28.89
CA ARG C 238 15.15 2.48 30.00
C ARG C 238 16.08 3.12 31.02
N THR C 239 16.84 4.11 30.55
CA THR C 239 17.81 4.86 31.35
C THR C 239 18.46 4.05 32.49
N GLY D 1 38.82 -8.52 -12.51
CA GLY D 1 37.47 -8.89 -12.13
C GLY D 1 36.60 -7.67 -11.91
N ALA D 2 37.17 -6.50 -12.22
CA ALA D 2 36.46 -5.24 -12.08
C ALA D 2 35.45 -5.07 -13.20
N GLN D 3 34.35 -4.37 -12.92
CA GLN D 3 33.34 -4.14 -13.93
C GLN D 3 33.04 -2.65 -13.98
N VAL D 4 33.29 -2.05 -15.13
CA VAL D 4 33.04 -0.63 -15.33
C VAL D 4 31.61 -0.39 -15.80
N SER D 5 31.06 0.74 -15.39
CA SER D 5 29.71 1.09 -15.77
C SER D 5 29.51 2.60 -15.92
N THR D 6 28.36 2.99 -16.44
CA THR D 6 28.02 4.39 -16.66
C THR D 6 27.54 5.07 -15.38
N GLN D 7 28.00 6.30 -15.14
CA GLN D 7 27.60 7.04 -13.96
C GLN D 7 26.25 7.70 -14.18
N LYS D 8 25.80 8.42 -13.16
CA LYS D 8 24.52 9.11 -13.27
C LYS D 8 24.82 10.55 -13.66
N THR D 9 24.44 10.89 -14.89
CA THR D 9 24.64 12.22 -15.43
C THR D 9 24.50 13.27 -14.32
N GLY D 10 25.56 14.07 -14.11
CA GLY D 10 25.58 15.09 -13.09
C GLY D 10 25.28 16.53 -13.54
N ALA D 11 25.89 17.51 -12.89
CA ALA D 11 25.66 18.93 -13.19
C ALA D 11 26.03 19.32 -14.61
N HIS D 12 27.29 19.67 -14.80
CA HIS D 12 27.83 20.04 -16.11
C HIS D 12 28.22 18.72 -16.73
N GLU D 13 27.20 17.97 -17.16
CA GLU D 13 27.45 16.67 -17.74
C GLU D 13 26.97 16.49 -19.14
N ASN D 14 27.27 15.31 -19.66
CA ASN D 14 26.89 14.93 -21.00
C ASN D 14 25.46 15.37 -21.18
N GLN D 15 25.13 15.78 -22.39
CA GLN D 15 23.75 16.15 -22.66
C GLN D 15 23.12 14.89 -22.10
N ASN D 16 21.98 15.03 -21.45
CA ASN D 16 21.28 13.90 -20.87
C ASN D 16 21.63 12.53 -21.50
N VAL D 17 21.99 12.56 -22.80
CA VAL D 17 22.36 11.37 -23.59
C VAL D 17 23.31 10.35 -22.94
N ALA D 18 23.92 10.71 -21.82
CA ALA D 18 24.83 9.82 -21.10
C ALA D 18 25.70 9.03 -22.05
N ALA D 19 25.98 9.62 -23.21
CA ALA D 19 26.81 8.94 -24.20
C ALA D 19 27.89 9.90 -24.64
N ASN D 20 28.66 10.41 -23.67
CA ASN D 20 29.73 11.36 -23.99
C ASN D 20 30.94 11.31 -23.06
N GLY D 21 31.94 10.52 -23.47
CA GLY D 21 33.16 10.40 -22.71
C GLY D 21 33.20 9.22 -21.78
N SER D 22 34.41 8.82 -21.45
CA SER D 22 34.64 7.71 -20.53
C SER D 22 34.74 8.34 -19.13
N THR D 23 34.61 9.66 -19.11
CA THR D 23 34.66 10.44 -17.89
C THR D 23 33.38 10.23 -17.07
N ILE D 24 32.54 9.31 -17.54
CA ILE D 24 31.29 9.02 -16.84
C ILE D 24 31.28 7.55 -16.51
N ASN D 25 32.46 7.01 -16.26
CA ASN D 25 32.55 5.61 -15.93
C ASN D 25 33.04 5.39 -14.54
N TYR D 26 32.38 4.50 -13.82
CA TYR D 26 32.82 4.20 -12.48
C TYR D 26 33.15 2.73 -12.43
N THR D 27 34.18 2.38 -11.67
CA THR D 27 34.61 1.01 -11.55
C THR D 27 34.06 0.34 -10.29
N THR D 28 33.86 -0.96 -10.38
CA THR D 28 33.31 -1.73 -9.28
C THR D 28 34.01 -3.07 -9.14
N ILE D 29 34.46 -3.40 -7.94
CA ILE D 29 35.12 -4.67 -7.73
C ILE D 29 34.53 -5.22 -6.45
N ASN D 30 33.68 -6.23 -6.55
CA ASN D 30 33.08 -6.81 -5.34
C ASN D 30 34.22 -7.41 -4.53
N TYR D 31 34.22 -7.16 -3.21
CA TYR D 31 35.29 -7.67 -2.37
C TYR D 31 34.89 -8.87 -1.53
N TYR D 32 33.60 -9.05 -1.28
CA TYR D 32 33.20 -10.18 -0.46
C TYR D 32 32.60 -11.38 -1.20
N LYS D 33 32.69 -12.54 -0.56
CA LYS D 33 32.21 -13.82 -1.10
C LYS D 33 30.70 -13.93 -1.09
N ASP D 34 30.05 -13.09 -0.29
CA ASP D 34 28.59 -13.10 -0.16
C ASP D 34 27.94 -11.94 -0.89
N SER D 35 27.06 -12.24 -1.82
CA SER D 35 26.39 -11.21 -2.59
C SER D 35 25.77 -10.13 -1.71
N ALA D 36 25.17 -10.55 -0.61
CA ALA D 36 24.53 -9.62 0.31
C ALA D 36 25.39 -8.39 0.63
N SER D 37 26.70 -8.58 0.65
CA SER D 37 27.64 -7.51 0.97
C SER D 37 27.77 -6.43 -0.13
N ASN D 38 27.23 -6.68 -1.31
CA ASN D 38 27.35 -5.76 -2.43
C ASN D 38 26.56 -4.46 -2.30
N SER D 39 26.98 -3.46 -3.08
CA SER D 39 26.32 -2.16 -3.12
C SER D 39 24.90 -2.30 -3.62
N ALA D 40 24.21 -1.18 -3.79
CA ALA D 40 22.83 -1.21 -4.23
C ALA D 40 22.80 -1.81 -5.61
N THR D 41 21.78 -2.61 -5.89
CA THR D 41 21.69 -3.24 -7.19
C THR D 41 21.53 -2.12 -8.23
N ARG D 42 22.01 -2.38 -9.45
CA ARG D 42 21.95 -1.39 -10.50
C ARG D 42 20.55 -0.84 -10.73
N GLN D 43 20.49 0.46 -10.92
CA GLN D 43 19.24 1.16 -11.17
C GLN D 43 18.46 0.48 -12.29
N ASP D 44 17.22 0.09 -12.01
CA ASP D 44 16.36 -0.56 -12.98
C ASP D 44 15.12 0.31 -13.21
N LEU D 45 15.01 0.95 -14.37
CA LEU D 45 13.85 1.80 -14.61
C LEU D 45 12.69 1.14 -15.33
N SER D 46 12.68 -0.19 -15.37
CA SER D 46 11.58 -0.91 -16.01
C SER D 46 10.33 -0.72 -15.18
N GLN D 47 9.17 -0.88 -15.80
CA GLN D 47 7.93 -0.73 -15.07
C GLN D 47 6.73 -1.14 -15.88
N ASP D 48 5.71 -1.64 -15.20
CA ASP D 48 4.47 -2.06 -15.85
C ASP D 48 3.30 -1.54 -15.04
N PRO D 49 3.04 -0.24 -15.13
CA PRO D 49 1.94 0.37 -14.39
C PRO D 49 0.60 -0.30 -14.63
N SER D 50 0.48 -1.01 -15.74
CA SER D 50 -0.78 -1.64 -16.06
C SER D 50 -1.30 -2.70 -15.12
N LYS D 51 -0.42 -3.43 -14.45
CA LYS D 51 -0.90 -4.46 -13.55
C LYS D 51 -1.68 -3.82 -12.42
N PHE D 52 -1.63 -2.49 -12.36
CA PHE D 52 -2.32 -1.73 -11.33
C PHE D 52 -3.31 -0.73 -11.91
N THR D 53 -2.97 -0.12 -13.04
CA THR D 53 -3.88 0.85 -13.61
C THR D 53 -4.85 0.28 -14.62
N GLU D 54 -4.66 -0.98 -15.02
CA GLU D 54 -5.56 -1.56 -16.01
C GLU D 54 -5.68 -3.07 -16.02
N PRO D 55 -5.62 -3.71 -14.85
CA PRO D 55 -5.72 -5.18 -14.84
C PRO D 55 -7.07 -5.73 -15.29
N VAL D 56 -7.64 -5.11 -16.31
CA VAL D 56 -8.91 -5.53 -16.86
C VAL D 56 -8.72 -6.72 -17.82
N LYS D 57 -9.67 -7.65 -17.88
CA LYS D 57 -9.54 -8.80 -18.76
C LYS D 57 -9.54 -8.44 -20.22
N ASP D 58 -10.69 -8.03 -20.75
CA ASP D 58 -10.78 -7.64 -22.15
C ASP D 58 -10.11 -6.29 -22.25
N LEU D 59 -9.19 -6.12 -23.20
CA LEU D 59 -8.54 -4.82 -23.27
C LEU D 59 -9.33 -3.78 -24.04
N MET D 60 -9.32 -2.58 -23.50
CA MET D 60 -10.04 -1.45 -24.05
C MET D 60 -8.99 -0.42 -24.47
N LEU D 61 -9.20 0.25 -25.60
CA LEU D 61 -8.25 1.26 -26.04
C LEU D 61 -8.86 2.64 -25.89
N LYS D 62 -8.07 3.58 -25.36
CA LYS D 62 -8.55 4.96 -25.15
C LYS D 62 -9.71 5.42 -26.02
N THR D 63 -9.41 5.57 -27.30
CA THR D 63 -10.35 6.05 -28.32
C THR D 63 -11.69 5.33 -28.44
N ALA D 64 -11.84 4.20 -27.76
CA ALA D 64 -13.08 3.46 -27.85
C ALA D 64 -14.00 3.63 -26.63
N PRO D 65 -15.23 3.09 -26.74
CA PRO D 65 -16.21 3.16 -25.66
C PRO D 65 -15.77 2.19 -24.56
N ALA D 66 -15.42 2.70 -23.40
CA ALA D 66 -14.98 1.86 -22.29
C ALA D 66 -15.98 0.73 -22.04
N LEU D 67 -17.25 1.04 -22.25
CA LEU D 67 -18.33 0.09 -22.08
C LEU D 67 -19.04 -0.04 -23.40
N ASN D 68 -18.75 -1.13 -24.09
CA ASN D 68 -19.34 -1.39 -25.39
C ASN D 68 -20.52 -2.34 -25.29
#